data_5RAH
#
_entry.id   5RAH
#
_cell.length_a   57.370
_cell.length_b   93.590
_cell.length_c   93.580
_cell.angle_alpha   90.000
_cell.angle_beta   107.850
_cell.angle_gamma   90.000
#
_symmetry.space_group_name_H-M   'P 1 21 1'
#
loop_
_entity.id
_entity.type
_entity.pdbx_description
1 polymer 'Lysine-specific demethylase 3B'
2 non-polymer cyclopropyl-[4-(4-fluorophenyl)piperazin-1-yl]methanone
3 non-polymer 'CHLORIDE ION'
4 non-polymer 'MANGANESE (II) ION'
5 water water
#
_entity_poly.entity_id   1
_entity_poly.type   'polypeptide(L)'
_entity_poly.pdbx_seq_one_letter_code
;MHHHHHHSSGVDLGTENLYFQSMTSHSWLCDGRLLCLHDPSNKNNWKIFRECWKQGQPVLVSGVHKKLKSELWKPEAFSQ
EFGDQDVDLVNCRNCAIISDVKVRDFWDGFEIICKRLRSEDGQPMVLKLKDWPPGEDFRDMMPTRFEDLMENLPLPEYTK
RDGRLNLASRLPSYFVRPDLGPKMYNAYGLITAEDRRVGTTNLHLDVSDAVNVMVYVGIPIGEGAHDEEVLKTIDEGDAD
EVTKERIHDHKEKPGALWHIYAAKDAEKIRELLRKVGEEQGQENPPDHDPIHDQSWYLDQTLRKRLYEEYGVQGWAIVQF
LGDAVFIPAGAPHQVHNLYSCIKVAEDFVSPEHVKHCFRLTQEFRHLSNTHT
;
_entity_poly.pdbx_strand_id   A,B
#
# COMPACT_ATOMS: atom_id res chain seq x y z
N SER A 22 -47.79 18.63 2.66
CA SER A 22 -47.66 18.20 4.06
C SER A 22 -46.26 17.58 4.26
N MET A 23 -45.68 17.77 5.45
CA MET A 23 -44.37 17.19 5.85
C MET A 23 -44.55 15.69 6.14
N THR A 24 -43.75 14.84 5.48
CA THR A 24 -43.78 13.35 5.61
C THR A 24 -42.42 12.80 6.10
N SER A 25 -42.44 11.60 6.67
CA SER A 25 -41.22 10.90 7.15
C SER A 25 -40.23 10.64 5.98
N HIS A 26 -40.71 10.30 4.79
CA HIS A 26 -39.88 9.84 3.65
C HIS A 26 -40.68 9.75 2.37
N SER A 27 -39.96 9.59 1.28
CA SER A 27 -40.47 9.37 -0.09
C SER A 27 -39.49 8.46 -0.84
N TRP A 28 -39.88 8.04 -2.04
CA TRP A 28 -39.09 7.14 -2.93
C TRP A 28 -38.60 7.95 -4.13
N LEU A 29 -37.32 7.82 -4.45
CA LEU A 29 -36.78 8.24 -5.74
C LEU A 29 -36.45 7.00 -6.57
N CYS A 30 -35.84 7.22 -7.75
CA CYS A 30 -35.38 6.11 -8.65
C CYS A 30 -36.54 5.10 -8.87
N ASP A 31 -37.76 5.61 -9.07
CA ASP A 31 -38.99 4.79 -9.34
C ASP A 31 -39.24 3.78 -8.21
N GLY A 32 -39.05 4.17 -6.94
CA GLY A 32 -39.24 3.25 -5.81
C GLY A 32 -38.00 2.54 -5.31
N ARG A 33 -36.86 2.64 -6.00
CA ARG A 33 -35.65 1.86 -5.62
C ARG A 33 -34.73 2.62 -4.63
N LEU A 34 -34.98 3.89 -4.34
CA LEU A 34 -34.09 4.72 -3.45
C LEU A 34 -34.92 5.37 -2.33
N LEU A 35 -34.66 5.00 -1.08
CA LEU A 35 -35.25 5.69 0.10
C LEU A 35 -34.72 7.13 0.20
N CYS A 36 -35.62 8.12 0.32
N CYS A 36 -35.62 8.10 0.44
CA CYS A 36 -35.28 9.54 0.71
CA CYS A 36 -35.30 9.52 0.74
C CYS A 36 -35.92 9.92 2.06
C CYS A 36 -35.93 9.94 2.08
N LEU A 37 -35.12 9.99 3.13
CA LEU A 37 -35.56 10.43 4.49
C LEU A 37 -35.61 11.97 4.51
N HIS A 38 -36.64 12.54 5.14
CA HIS A 38 -36.86 14.01 5.10
C HIS A 38 -36.39 14.76 6.35
N ASP A 39 -36.34 14.11 7.50
CA ASP A 39 -36.00 14.74 8.80
C ASP A 39 -34.66 14.16 9.23
N PRO A 40 -33.53 14.89 9.05
CA PRO A 40 -32.21 14.30 9.26
C PRO A 40 -31.89 13.84 10.70
N SER A 41 -32.61 14.32 11.71
CA SER A 41 -32.29 14.12 13.14
C SER A 41 -33.37 13.27 13.81
N ASN A 42 -34.31 12.69 13.05
CA ASN A 42 -35.44 11.95 13.66
C ASN A 42 -34.91 10.73 14.43
N LYS A 43 -35.28 10.62 15.72
CA LYS A 43 -34.86 9.47 16.55
C LYS A 43 -35.37 8.12 15.97
N ASN A 44 -36.42 8.11 15.14
CA ASN A 44 -36.98 6.83 14.57
C ASN A 44 -36.53 6.55 13.12
N ASN A 45 -35.59 7.31 12.55
CA ASN A 45 -35.13 7.07 11.17
C ASN A 45 -34.63 5.63 10.96
N TRP A 46 -33.90 5.05 11.92
CA TRP A 46 -33.37 3.66 11.82
C TRP A 46 -34.47 2.66 11.44
N LYS A 47 -35.70 2.84 11.93
CA LYS A 47 -36.79 1.88 11.59
C LYS A 47 -37.10 1.83 10.09
N ILE A 48 -36.93 2.94 9.38
CA ILE A 48 -37.20 3.07 7.90
C ILE A 48 -35.93 2.68 7.13
N PHE A 49 -34.78 3.14 7.61
CA PHE A 49 -33.44 2.93 6.98
C PHE A 49 -32.97 1.47 6.94
N ARG A 50 -33.22 0.73 8.02
N ARG A 50 -33.14 0.71 8.02
CA ARG A 50 -32.51 -0.54 8.37
CA ARG A 50 -32.32 -0.51 8.20
C ARG A 50 -32.71 -1.60 7.27
C ARG A 50 -32.67 -1.61 7.18
N GLU A 51 -33.93 -1.77 6.75
CA GLU A 51 -34.21 -2.84 5.74
C GLU A 51 -33.64 -2.47 4.36
N CYS A 52 -33.68 -1.20 3.96
CA CYS A 52 -33.08 -0.75 2.67
C CYS A 52 -31.56 -1.00 2.72
N TRP A 53 -30.96 -0.66 3.84
CA TRP A 53 -29.50 -0.76 4.04
C TRP A 53 -29.07 -2.24 4.02
N LYS A 54 -29.83 -3.11 4.68
CA LYS A 54 -29.54 -4.58 4.75
C LYS A 54 -29.52 -5.14 3.31
N GLN A 55 -30.39 -4.65 2.42
CA GLN A 55 -30.50 -5.14 1.01
C GLN A 55 -29.39 -4.56 0.12
N GLY A 56 -28.51 -3.73 0.63
CA GLY A 56 -27.34 -3.23 -0.12
C GLY A 56 -27.66 -2.00 -0.96
N GLN A 57 -28.78 -1.33 -0.68
CA GLN A 57 -29.14 -0.07 -1.40
C GLN A 57 -28.45 1.17 -0.82
N PRO A 58 -28.13 2.17 -1.66
CA PRO A 58 -27.83 3.50 -1.12
C PRO A 58 -29.10 4.14 -0.57
N VAL A 59 -28.93 5.20 0.24
CA VAL A 59 -30.03 5.98 0.86
C VAL A 59 -29.67 7.47 0.75
N LEU A 60 -30.68 8.31 0.54
CA LEU A 60 -30.51 9.78 0.55
C LEU A 60 -31.22 10.35 1.79
N VAL A 61 -30.60 11.33 2.47
CA VAL A 61 -31.28 12.06 3.60
C VAL A 61 -31.22 13.57 3.29
N SER A 62 -32.36 14.26 3.22
CA SER A 62 -32.37 15.69 2.85
C SER A 62 -32.40 16.56 4.12
N GLY A 63 -31.94 17.82 4.01
CA GLY A 63 -32.18 18.83 5.05
C GLY A 63 -31.02 19.05 5.99
N VAL A 64 -29.85 18.43 5.79
CA VAL A 64 -28.70 18.56 6.73
C VAL A 64 -28.21 20.03 6.79
N HIS A 65 -28.27 20.79 5.70
CA HIS A 65 -27.81 22.22 5.66
C HIS A 65 -28.55 23.06 6.72
N LYS A 66 -29.82 22.77 7.00
CA LYS A 66 -30.64 23.53 7.98
C LYS A 66 -30.14 23.28 9.42
N LYS A 67 -29.30 22.27 9.66
CA LYS A 67 -28.80 21.88 11.00
C LYS A 67 -27.40 22.48 11.24
N LEU A 68 -26.74 22.99 10.19
CA LEU A 68 -25.32 23.42 10.22
C LEU A 68 -25.22 24.94 10.44
N LYS A 69 -24.07 25.39 10.92
CA LYS A 69 -23.69 26.83 11.04
C LYS A 69 -23.20 27.31 9.66
N SER A 70 -24.05 27.92 8.88
CA SER A 70 -23.80 28.20 7.44
C SER A 70 -22.52 29.04 7.25
N GLU A 71 -22.15 29.89 8.22
CA GLU A 71 -20.95 30.79 8.15
C GLU A 71 -19.64 29.97 8.11
N LEU A 72 -19.61 28.74 8.66
CA LEU A 72 -18.40 27.88 8.72
C LEU A 72 -18.12 27.23 7.35
N TRP A 73 -19.06 27.22 6.40
CA TRP A 73 -18.95 26.35 5.18
C TRP A 73 -18.87 27.20 3.89
N LYS A 74 -18.48 28.47 3.97
CA LYS A 74 -18.37 29.38 2.80
C LYS A 74 -16.97 29.33 2.19
N PRO A 75 -16.86 29.35 0.86
CA PRO A 75 -15.57 29.38 0.18
C PRO A 75 -14.66 30.57 0.57
N GLU A 76 -15.22 31.77 0.74
CA GLU A 76 -14.45 32.98 1.18
C GLU A 76 -13.80 32.78 2.57
N ALA A 77 -14.44 32.06 3.51
CA ALA A 77 -13.83 31.79 4.85
C ALA A 77 -12.64 30.82 4.70
N PHE A 78 -12.73 29.80 3.83
CA PHE A 78 -11.62 28.83 3.65
C PHE A 78 -10.41 29.58 3.07
N SER A 79 -10.65 30.46 2.11
CA SER A 79 -9.57 31.28 1.50
C SER A 79 -8.91 32.18 2.57
N GLN A 80 -9.69 32.90 3.36
CA GLN A 80 -9.15 33.88 4.35
C GLN A 80 -8.32 33.14 5.42
N GLU A 81 -8.81 31.99 5.89
CA GLU A 81 -8.21 31.28 7.06
C GLU A 81 -7.04 30.41 6.63
N PHE A 82 -7.05 29.79 5.41
CA PHE A 82 -6.09 28.74 5.01
C PHE A 82 -5.38 29.05 3.70
N GLY A 83 -5.56 30.26 3.14
CA GLY A 83 -5.17 30.57 1.75
C GLY A 83 -3.70 30.40 1.43
N ASP A 84 -2.80 30.50 2.43
CA ASP A 84 -1.31 30.41 2.23
C ASP A 84 -0.79 28.97 2.24
N GLN A 85 -1.63 27.94 2.48
CA GLN A 85 -1.17 26.52 2.35
C GLN A 85 -0.83 26.14 0.91
N ASP A 86 0.19 25.28 0.72
CA ASP A 86 0.60 24.72 -0.58
C ASP A 86 -0.18 23.42 -0.90
N VAL A 87 -0.72 23.30 -2.11
CA VAL A 87 -1.58 22.17 -2.52
C VAL A 87 -1.30 21.81 -3.98
N ASP A 88 -1.84 20.66 -4.43
CA ASP A 88 -1.92 20.29 -5.85
C ASP A 88 -3.39 20.31 -6.27
N LEU A 89 -3.63 20.70 -7.51
CA LEU A 89 -4.95 20.68 -8.18
C LEU A 89 -4.94 19.65 -9.30
N VAL A 90 -6.11 19.24 -9.75
CA VAL A 90 -6.27 18.41 -10.98
C VAL A 90 -7.16 19.14 -11.98
N ASN A 91 -6.72 19.22 -13.23
CA ASN A 91 -7.57 19.67 -14.36
C ASN A 91 -8.53 18.52 -14.72
N CYS A 92 -9.81 18.65 -14.37
CA CYS A 92 -10.79 17.55 -14.53
C CYS A 92 -10.93 17.14 -16.00
N ARG A 93 -10.70 18.05 -16.96
CA ARG A 93 -10.92 17.79 -18.41
C ARG A 93 -9.87 16.84 -19.00
N ASN A 94 -8.61 16.87 -18.54
CA ASN A 94 -7.49 16.12 -19.17
C ASN A 94 -6.67 15.36 -18.11
N CYS A 95 -7.04 15.41 -16.82
CA CYS A 95 -6.27 14.79 -15.69
C CYS A 95 -4.87 15.38 -15.43
N ALA A 96 -4.47 16.49 -16.05
CA ALA A 96 -3.17 17.14 -15.77
C ALA A 96 -3.13 17.61 -14.30
N ILE A 97 -2.01 17.37 -13.60
CA ILE A 97 -1.80 17.83 -12.19
C ILE A 97 -1.18 19.24 -12.24
N ILE A 98 -1.75 20.17 -11.49
CA ILE A 98 -1.14 21.52 -11.30
C ILE A 98 -0.50 21.50 -9.92
N SER A 99 0.83 21.43 -9.88
CA SER A 99 1.64 21.15 -8.68
C SER A 99 1.98 22.43 -7.93
N ASP A 100 1.94 22.36 -6.61
CA ASP A 100 2.56 23.31 -5.66
C ASP A 100 2.05 24.73 -5.93
N VAL A 101 0.75 24.93 -5.85
CA VAL A 101 0.12 26.29 -5.87
C VAL A 101 -0.47 26.60 -4.50
N LYS A 102 -0.83 27.86 -4.24
CA LYS A 102 -1.51 28.28 -2.99
C LYS A 102 -2.98 27.87 -3.05
N VAL A 103 -3.51 27.41 -1.94
CA VAL A 103 -4.92 26.99 -1.90
C VAL A 103 -5.85 28.18 -2.20
N ARG A 104 -5.46 29.44 -1.95
CA ARG A 104 -6.35 30.58 -2.34
C ARG A 104 -6.56 30.62 -3.85
N ASP A 105 -5.63 30.14 -4.65
CA ASP A 105 -5.74 30.20 -6.14
C ASP A 105 -6.93 29.31 -6.57
N PHE A 106 -7.23 28.23 -5.82
CA PHE A 106 -8.46 27.42 -5.98
C PHE A 106 -9.68 28.19 -5.46
N TRP A 107 -9.71 28.54 -4.17
CA TRP A 107 -10.93 29.08 -3.53
C TRP A 107 -11.40 30.40 -4.17
N ASP A 108 -10.50 31.29 -4.60
CA ASP A 108 -10.94 32.63 -5.07
C ASP A 108 -11.67 32.52 -6.42
N GLY A 109 -11.45 31.44 -7.20
CA GLY A 109 -12.19 31.17 -8.43
C GLY A 109 -13.37 30.20 -8.27
N PHE A 110 -13.73 29.81 -7.06
CA PHE A 110 -14.81 28.79 -6.82
C PHE A 110 -16.12 29.20 -7.49
N GLU A 111 -16.53 30.47 -7.30
CA GLU A 111 -17.81 30.98 -7.91
C GLU A 111 -17.56 32.11 -8.90
N ILE A 112 -16.36 32.69 -8.97
CA ILE A 112 -16.13 33.89 -9.83
C ILE A 112 -15.27 33.43 -11.01
N ILE A 113 -15.88 33.21 -12.17
CA ILE A 113 -15.20 32.54 -13.31
C ILE A 113 -13.98 33.34 -13.77
N CYS A 114 -14.05 34.69 -13.78
CA CYS A 114 -12.95 35.56 -14.31
C CYS A 114 -11.72 35.49 -13.39
N LYS A 115 -11.78 34.88 -12.19
CA LYS A 115 -10.58 34.73 -11.31
C LYS A 115 -9.93 33.36 -11.49
N ARG A 116 -10.52 32.44 -12.26
CA ARG A 116 -9.99 31.04 -12.36
C ARG A 116 -8.70 30.93 -13.20
N LEU A 117 -7.79 30.06 -12.78
CA LEU A 117 -6.62 29.67 -13.57
C LEU A 117 -7.10 29.24 -14.98
N ARG A 118 -6.32 29.63 -16.01
CA ARG A 118 -6.66 29.33 -17.43
C ARG A 118 -5.70 28.29 -18.01
N SER A 119 -6.23 27.46 -18.91
CA SER A 119 -5.44 26.52 -19.73
C SER A 119 -4.80 27.28 -20.91
N GLU A 120 -3.88 26.61 -21.62
CA GLU A 120 -3.09 27.21 -22.73
C GLU A 120 -4.04 27.75 -23.81
N ASP A 121 -5.23 27.18 -23.94
CA ASP A 121 -6.23 27.58 -24.96
C ASP A 121 -6.94 28.88 -24.54
N GLY A 122 -6.69 29.40 -23.35
CA GLY A 122 -7.25 30.65 -22.82
C GLY A 122 -8.58 30.48 -22.12
N GLN A 123 -9.07 29.24 -21.97
CA GLN A 123 -10.38 29.00 -21.27
C GLN A 123 -10.14 28.89 -19.77
N PRO A 124 -11.13 29.24 -18.94
CA PRO A 124 -11.01 28.94 -17.53
C PRO A 124 -11.11 27.42 -17.26
N MET A 125 -10.26 26.89 -16.40
CA MET A 125 -10.23 25.43 -16.12
C MET A 125 -11.32 25.04 -15.11
N VAL A 126 -11.74 23.77 -15.23
CA VAL A 126 -12.55 23.03 -14.23
C VAL A 126 -11.58 22.27 -13.37
N LEU A 127 -11.41 22.71 -12.13
CA LEU A 127 -10.38 22.22 -11.18
C LEU A 127 -11.01 21.46 -10.03
N LYS A 128 -10.26 20.46 -9.59
CA LYS A 128 -10.49 19.69 -8.35
C LYS A 128 -9.31 19.97 -7.39
N LEU A 129 -9.59 20.32 -6.14
CA LEU A 129 -8.57 20.45 -5.06
C LEU A 129 -8.24 19.06 -4.49
N LYS A 130 -6.99 18.60 -4.69
CA LYS A 130 -6.56 17.24 -4.26
C LYS A 130 -6.21 17.19 -2.77
N ASP A 131 -6.75 16.21 -2.03
CA ASP A 131 -6.24 15.76 -0.70
C ASP A 131 -6.11 16.97 0.24
N TRP A 132 -7.21 17.67 0.48
CA TRP A 132 -7.23 18.90 1.33
C TRP A 132 -8.49 18.96 2.17
N PRO A 133 -8.39 19.16 3.50
CA PRO A 133 -7.14 18.98 4.25
C PRO A 133 -6.47 17.62 4.07
N PRO A 134 -5.12 17.56 4.18
CA PRO A 134 -4.38 16.37 3.80
C PRO A 134 -4.48 15.22 4.84
N GLY A 135 -4.52 13.99 4.33
CA GLY A 135 -4.52 12.75 5.16
C GLY A 135 -5.65 12.81 6.16
N GLU A 136 -5.34 12.63 7.45
CA GLU A 136 -6.34 12.62 8.56
C GLU A 136 -6.38 13.98 9.27
N ASP A 137 -5.88 15.07 8.67
CA ASP A 137 -5.65 16.33 9.43
C ASP A 137 -6.91 17.21 9.57
N PHE A 138 -8.11 16.83 9.07
CA PHE A 138 -9.33 17.69 9.14
C PHE A 138 -9.58 18.16 10.57
N ARG A 139 -9.62 17.23 11.54
CA ARG A 139 -10.00 17.57 12.96
C ARG A 139 -8.99 18.56 13.56
N ASP A 140 -7.70 18.35 13.35
CA ASP A 140 -6.60 19.22 13.86
C ASP A 140 -6.69 20.61 13.20
N MET A 141 -6.90 20.67 11.89
CA MET A 141 -6.88 21.96 11.16
C MET A 141 -8.16 22.79 11.41
N MET A 142 -9.31 22.11 11.55
CA MET A 142 -10.64 22.73 11.56
C MET A 142 -11.51 22.15 12.68
N PRO A 143 -11.17 22.39 13.97
CA PRO A 143 -11.92 21.77 15.07
C PRO A 143 -13.38 22.22 15.13
N THR A 144 -13.72 23.48 14.84
CA THR A 144 -15.11 23.97 14.96
C THR A 144 -15.97 23.32 13.87
N ARG A 145 -15.41 23.18 12.67
CA ARG A 145 -16.13 22.52 11.52
C ARG A 145 -16.32 21.04 11.82
N PHE A 146 -15.29 20.36 12.32
CA PHE A 146 -15.38 18.94 12.74
C PHE A 146 -16.58 18.76 13.68
N GLU A 147 -16.66 19.56 14.76
CA GLU A 147 -17.78 19.51 15.75
C GLU A 147 -19.13 19.74 15.05
N ASP A 148 -19.26 20.77 14.22
CA ASP A 148 -20.52 21.12 13.51
C ASP A 148 -21.01 19.96 12.59
N LEU A 149 -20.11 19.32 11.88
CA LEU A 149 -20.46 18.17 10.98
C LEU A 149 -20.81 16.96 11.85
N MET A 150 -19.92 16.55 12.76
CA MET A 150 -20.13 15.23 13.45
C MET A 150 -21.38 15.24 14.35
N GLU A 151 -21.77 16.37 14.91
CA GLU A 151 -22.95 16.49 15.79
C GLU A 151 -24.24 16.47 14.98
N ASN A 152 -24.18 16.62 13.65
CA ASN A 152 -25.39 16.77 12.82
C ASN A 152 -25.48 15.69 11.71
N LEU A 153 -24.59 14.69 11.72
CA LEU A 153 -24.70 13.53 10.79
C LEU A 153 -26.00 12.78 11.09
N PRO A 154 -26.77 12.41 10.04
CA PRO A 154 -27.91 11.49 10.19
C PRO A 154 -27.48 10.06 10.59
N LEU A 155 -28.41 9.29 11.18
CA LEU A 155 -28.23 7.85 11.55
C LEU A 155 -27.00 7.74 12.44
N PRO A 156 -26.97 8.53 13.54
CA PRO A 156 -25.75 8.65 14.37
C PRO A 156 -25.28 7.34 15.01
N GLU A 157 -26.14 6.33 15.23
CA GLU A 157 -25.62 5.03 15.78
C GLU A 157 -24.76 4.30 14.73
N TYR A 158 -24.99 4.53 13.43
CA TYR A 158 -24.13 4.03 12.34
C TYR A 158 -22.92 4.96 12.11
N THR A 159 -23.09 6.29 12.13
CA THR A 159 -22.14 7.23 11.48
C THR A 159 -21.13 7.89 12.46
N LYS A 160 -21.44 8.00 13.75
CA LYS A 160 -20.50 8.61 14.74
C LYS A 160 -19.36 7.64 15.05
N ARG A 161 -18.16 8.17 15.35
CA ARG A 161 -16.93 7.36 15.56
C ARG A 161 -17.24 6.27 16.59
N ASP A 162 -18.05 6.61 17.60
CA ASP A 162 -18.41 5.78 18.78
C ASP A 162 -19.85 5.25 18.70
N GLY A 163 -20.52 5.30 17.55
CA GLY A 163 -21.89 4.75 17.41
C GLY A 163 -21.97 3.29 17.78
N ARG A 164 -23.09 2.86 18.37
CA ARG A 164 -23.28 1.44 18.76
C ARG A 164 -23.21 0.51 17.54
N LEU A 165 -23.61 0.95 16.35
CA LEU A 165 -23.64 0.09 15.15
C LEU A 165 -22.50 0.47 14.22
N ASN A 166 -21.49 1.19 14.70
CA ASN A 166 -20.27 1.43 13.91
C ASN A 166 -19.18 0.49 14.47
N LEU A 167 -18.75 -0.49 13.70
CA LEU A 167 -17.76 -1.49 14.21
C LEU A 167 -16.32 -0.98 13.99
N ALA A 168 -16.11 0.22 13.43
CA ALA A 168 -14.75 0.62 12.98
C ALA A 168 -13.71 0.46 14.12
N SER A 169 -14.04 0.88 15.34
CA SER A 169 -13.10 0.91 16.48
C SER A 169 -13.04 -0.44 17.20
N ARG A 170 -13.81 -1.42 16.76
CA ARG A 170 -14.05 -2.68 17.50
C ARG A 170 -13.54 -3.91 16.72
N LEU A 171 -12.90 -3.77 15.58
CA LEU A 171 -12.54 -4.98 14.79
C LEU A 171 -11.05 -5.31 14.91
N PRO A 172 -10.67 -6.60 14.80
CA PRO A 172 -9.25 -6.95 14.75
C PRO A 172 -8.65 -6.75 13.35
N SER A 173 -7.35 -7.03 13.21
CA SER A 173 -6.54 -6.69 12.01
C SER A 173 -6.91 -7.57 10.83
N TYR A 174 -7.72 -8.60 11.04
CA TYR A 174 -8.33 -9.41 9.97
C TYR A 174 -9.29 -8.56 9.10
N PHE A 175 -9.63 -7.35 9.55
CA PHE A 175 -10.50 -6.38 8.83
C PHE A 175 -9.71 -5.11 8.46
N VAL A 176 -9.92 -4.60 7.25
CA VAL A 176 -9.38 -3.28 6.85
C VAL A 176 -10.20 -2.22 7.56
N ARG A 177 -9.55 -1.39 8.37
CA ARG A 177 -10.18 -0.34 9.18
C ARG A 177 -10.06 0.99 8.42
N PRO A 178 -11.11 1.83 8.36
CA PRO A 178 -11.02 3.13 7.67
C PRO A 178 -10.10 4.10 8.42
N ASP A 179 -9.62 5.14 7.72
CA ASP A 179 -8.77 6.19 8.34
C ASP A 179 -9.70 6.99 9.23
N LEU A 180 -9.15 7.82 10.11
CA LEU A 180 -9.89 8.82 10.90
C LEU A 180 -10.27 9.97 9.95
N GLY A 181 -11.55 10.31 9.95
CA GLY A 181 -12.13 11.24 8.95
C GLY A 181 -12.52 12.47 9.76
N PRO A 182 -13.39 13.32 9.25
CA PRO A 182 -13.86 13.19 7.88
C PRO A 182 -12.86 13.66 6.82
N LYS A 183 -13.25 13.58 5.54
CA LYS A 183 -12.46 14.04 4.36
C LYS A 183 -13.31 15.06 3.60
N MET A 184 -12.69 16.12 3.09
CA MET A 184 -13.38 17.19 2.33
C MET A 184 -13.10 16.98 0.85
N TYR A 185 -14.11 17.16 -0.01
CA TYR A 185 -14.02 16.97 -1.47
C TYR A 185 -14.51 18.26 -2.12
N ASN A 186 -13.59 19.01 -2.73
CA ASN A 186 -13.84 20.38 -3.25
C ASN A 186 -13.51 20.41 -4.74
N ALA A 187 -14.44 20.82 -5.59
CA ALA A 187 -14.21 20.93 -7.04
C ALA A 187 -15.22 21.84 -7.69
N TYR A 188 -14.81 22.46 -8.81
CA TYR A 188 -15.69 23.30 -9.64
C TYR A 188 -16.74 22.40 -10.34
N GLY A 189 -17.76 23.03 -10.88
CA GLY A 189 -18.77 22.39 -11.76
C GLY A 189 -18.22 22.15 -13.17
N LEU A 190 -18.62 21.05 -13.79
CA LEU A 190 -18.38 20.78 -15.25
C LEU A 190 -19.41 21.62 -16.03
N ILE A 191 -18.99 22.14 -17.18
CA ILE A 191 -19.66 23.31 -17.83
C ILE A 191 -20.20 22.94 -19.22
N THR A 192 -19.38 22.39 -20.11
CA THR A 192 -19.69 22.29 -21.57
C THR A 192 -20.39 20.97 -21.95
N ALA A 193 -20.90 20.88 -23.19
CA ALA A 193 -21.41 19.62 -23.78
C ALA A 193 -20.34 18.52 -23.74
N GLU A 194 -19.09 18.83 -24.10
CA GLU A 194 -17.94 17.88 -24.04
C GLU A 194 -17.70 17.43 -22.58
N ASP A 195 -17.90 18.33 -21.61
CA ASP A 195 -17.66 18.02 -20.16
C ASP A 195 -18.64 16.94 -19.68
N ARG A 196 -19.74 16.65 -20.42
CA ARG A 196 -20.80 15.70 -19.95
C ARG A 196 -20.21 14.29 -19.78
N ARG A 197 -19.17 13.96 -20.54
CA ARG A 197 -18.51 12.62 -20.59
C ARG A 197 -17.38 12.46 -19.56
N VAL A 198 -17.10 13.46 -18.73
CA VAL A 198 -15.93 13.54 -17.81
C VAL A 198 -16.48 13.38 -16.38
N GLY A 199 -15.70 12.79 -15.47
CA GLY A 199 -16.06 12.71 -14.04
C GLY A 199 -15.31 13.75 -13.21
N THR A 200 -15.89 14.14 -12.08
CA THR A 200 -15.19 14.85 -10.98
C THR A 200 -14.40 13.80 -10.22
N THR A 201 -15.07 12.69 -9.85
CA THR A 201 -14.46 11.50 -9.25
C THR A 201 -14.84 10.29 -10.10
N ASN A 202 -13.84 9.60 -10.62
CA ASN A 202 -14.04 8.45 -11.52
C ASN A 202 -14.59 7.24 -10.75
N LEU A 203 -15.12 6.29 -11.52
CA LEU A 203 -15.70 5.02 -10.99
C LEU A 203 -14.68 4.30 -10.12
N HIS A 204 -15.07 3.99 -8.89
CA HIS A 204 -14.23 3.28 -7.90
C HIS A 204 -15.10 2.64 -6.82
N LEU A 205 -14.51 1.85 -5.90
CA LEU A 205 -15.27 1.34 -4.72
C LEU A 205 -14.43 1.54 -3.47
N ASP A 206 -15.09 1.54 -2.31
CA ASP A 206 -14.48 1.65 -0.96
C ASP A 206 -14.87 0.42 -0.15
N VAL A 207 -13.97 -0.10 0.68
CA VAL A 207 -14.29 -1.31 1.50
C VAL A 207 -15.05 -1.00 2.78
N SER A 208 -15.17 0.28 3.15
N SER A 208 -15.16 0.28 3.16
CA SER A 208 -16.02 0.76 4.28
CA SER A 208 -16.01 0.77 4.27
C SER A 208 -17.26 1.47 3.73
C SER A 208 -17.31 1.37 3.70
N ASP A 209 -18.32 1.53 4.54
CA ASP A 209 -19.51 2.36 4.25
C ASP A 209 -19.10 3.83 4.32
N ALA A 210 -19.86 4.74 3.72
CA ALA A 210 -19.60 6.19 3.86
C ALA A 210 -20.89 6.99 3.80
N VAL A 211 -20.89 8.12 4.48
CA VAL A 211 -21.95 9.17 4.32
C VAL A 211 -21.29 10.45 3.78
N ASN A 212 -21.83 10.99 2.70
CA ASN A 212 -21.25 12.16 1.98
C ASN A 212 -22.27 13.27 2.08
N VAL A 213 -21.93 14.41 2.71
CA VAL A 213 -22.86 15.55 2.90
C VAL A 213 -22.49 16.73 2.00
N MET A 214 -23.44 17.26 1.23
CA MET A 214 -23.27 18.49 0.41
C MET A 214 -23.48 19.70 1.34
N VAL A 215 -22.41 20.39 1.73
CA VAL A 215 -22.49 21.50 2.74
C VAL A 215 -22.53 22.87 2.04
N TYR A 216 -22.17 22.96 0.77
CA TYR A 216 -22.21 24.25 0.00
C TYR A 216 -22.27 23.96 -1.49
N VAL A 217 -23.14 24.65 -2.21
CA VAL A 217 -23.19 24.69 -3.70
C VAL A 217 -22.95 26.15 -4.16
N GLY A 218 -21.96 26.36 -5.04
CA GLY A 218 -21.66 27.70 -5.58
C GLY A 218 -22.14 27.76 -7.01
N ILE A 219 -23.08 28.64 -7.30
CA ILE A 219 -23.60 28.81 -8.69
C ILE A 219 -22.99 30.07 -9.26
N PRO A 220 -22.06 29.96 -10.22
CA PRO A 220 -21.20 31.08 -10.61
C PRO A 220 -21.79 32.27 -11.34
N ILE A 221 -20.91 33.22 -11.67
CA ILE A 221 -21.19 34.51 -12.36
C ILE A 221 -20.02 34.81 -13.32
N GLY A 222 -20.33 35.45 -14.46
CA GLY A 222 -19.39 35.74 -15.56
C GLY A 222 -19.73 34.91 -16.80
N GLU A 223 -19.94 33.61 -16.58
CA GLU A 223 -20.58 32.67 -17.55
C GLU A 223 -21.87 32.15 -16.89
N GLY A 224 -22.38 32.90 -15.91
CA GLY A 224 -23.63 32.60 -15.18
C GLY A 224 -24.84 32.69 -16.08
N ALA A 225 -25.14 31.60 -16.80
CA ALA A 225 -26.27 31.43 -17.74
C ALA A 225 -26.20 30.01 -18.30
N HIS A 226 -25.37 29.18 -17.64
CA HIS A 226 -25.00 27.80 -18.03
C HIS A 226 -26.01 26.81 -17.42
N ASP A 227 -27.20 27.29 -17.06
CA ASP A 227 -28.31 26.53 -16.41
C ASP A 227 -28.93 25.54 -17.40
N GLU A 228 -28.88 25.85 -18.71
CA GLU A 228 -29.46 24.96 -19.78
C GLU A 228 -28.72 23.62 -19.91
N GLU A 229 -27.38 23.63 -19.97
CA GLU A 229 -26.58 22.38 -20.10
C GLU A 229 -26.67 21.53 -18.81
N VAL A 230 -26.89 22.14 -17.64
CA VAL A 230 -27.19 21.41 -16.35
C VAL A 230 -28.48 20.58 -16.52
N LEU A 231 -29.56 21.11 -17.09
CA LEU A 231 -30.83 20.34 -17.30
C LEU A 231 -30.62 19.14 -18.25
N LYS A 232 -29.88 19.35 -19.34
N LYS A 232 -29.89 19.36 -19.36
CA LYS A 232 -29.56 18.28 -20.34
CA LYS A 232 -29.54 18.31 -20.34
C LYS A 232 -28.68 17.19 -19.69
C LYS A 232 -28.71 17.20 -19.66
N THR A 233 -27.77 17.57 -18.79
CA THR A 233 -26.86 16.60 -18.12
C THR A 233 -27.67 15.67 -17.18
N ILE A 234 -28.60 16.27 -16.43
CA ILE A 234 -29.51 15.54 -15.47
C ILE A 234 -30.38 14.57 -16.27
N ASP A 235 -30.94 15.04 -17.38
CA ASP A 235 -31.89 14.23 -18.19
C ASP A 235 -31.15 13.04 -18.85
N GLU A 236 -30.02 13.29 -19.49
CA GLU A 236 -29.16 12.27 -20.17
C GLU A 236 -28.49 11.37 -19.12
N GLY A 237 -28.37 11.87 -17.88
CA GLY A 237 -27.87 11.12 -16.71
C GLY A 237 -28.87 10.11 -16.21
N ASP A 238 -30.12 10.08 -16.75
CA ASP A 238 -31.13 9.02 -16.52
C ASP A 238 -31.88 9.32 -15.20
N ALA A 239 -31.87 10.57 -14.71
CA ALA A 239 -32.56 10.97 -13.47
C ALA A 239 -34.07 10.76 -13.60
N ASP A 240 -34.74 10.36 -12.51
CA ASP A 240 -36.20 10.05 -12.49
C ASP A 240 -37.01 11.35 -12.48
N GLU A 241 -38.34 11.22 -12.64
CA GLU A 241 -39.24 12.39 -12.86
C GLU A 241 -39.40 13.16 -11.55
N VAL A 242 -39.42 12.49 -10.39
CA VAL A 242 -39.54 13.20 -9.09
C VAL A 242 -38.28 14.10 -8.91
N THR A 243 -37.10 13.58 -9.19
CA THR A 243 -35.83 14.36 -9.09
C THR A 243 -35.94 15.60 -9.98
N LYS A 244 -36.44 15.45 -11.19
CA LYS A 244 -36.60 16.60 -12.13
C LYS A 244 -37.53 17.68 -11.52
N GLU A 245 -38.48 17.29 -10.66
CA GLU A 245 -39.43 18.24 -10.01
C GLU A 245 -38.74 19.09 -8.91
N ARG A 246 -37.71 18.61 -8.13
CA ARG A 246 -37.09 19.38 -7.00
C ARG A 246 -36.50 20.74 -7.44
N ILE A 247 -36.02 20.80 -8.67
CA ILE A 247 -35.57 22.04 -9.38
C ILE A 247 -36.78 22.96 -9.70
N HIS A 248 -37.64 22.46 -10.59
CA HIS A 248 -38.70 23.24 -11.29
C HIS A 248 -39.69 23.78 -10.25
N ASP A 249 -39.97 23.02 -9.18
CA ASP A 249 -41.08 23.31 -8.22
C ASP A 249 -40.60 24.09 -6.98
N HIS A 250 -39.45 23.74 -6.37
CA HIS A 250 -39.00 24.25 -5.03
C HIS A 250 -37.68 25.04 -5.12
N LYS A 251 -37.10 25.13 -6.33
CA LYS A 251 -35.84 25.83 -6.68
C LYS A 251 -34.75 25.48 -5.64
N GLU A 252 -34.59 24.21 -5.30
CA GLU A 252 -33.37 23.75 -4.57
C GLU A 252 -32.12 23.83 -5.49
N LYS A 253 -30.93 23.99 -4.89
CA LYS A 253 -29.62 24.11 -5.60
C LYS A 253 -29.06 22.71 -5.83
N PRO A 254 -28.99 22.19 -7.09
CA PRO A 254 -28.39 20.89 -7.39
C PRO A 254 -26.86 20.97 -7.44
N GLY A 255 -26.17 20.07 -6.72
CA GLY A 255 -24.70 20.07 -6.65
C GLY A 255 -24.07 19.10 -7.59
N ALA A 256 -24.38 17.80 -7.46
CA ALA A 256 -23.64 16.77 -8.19
C ALA A 256 -24.55 15.62 -8.64
N LEU A 257 -24.21 15.02 -9.78
CA LEU A 257 -24.87 13.80 -10.31
C LEU A 257 -24.00 12.59 -9.99
N TRP A 258 -24.58 11.62 -9.26
CA TRP A 258 -23.92 10.34 -8.91
C TRP A 258 -24.49 9.19 -9.76
N HIS A 259 -23.67 8.19 -10.06
CA HIS A 259 -24.18 6.83 -10.43
C HIS A 259 -23.61 5.87 -9.41
N ILE A 260 -24.47 5.06 -8.80
CA ILE A 260 -24.00 4.05 -7.81
C ILE A 260 -24.51 2.68 -8.27
N TYR A 261 -23.69 1.64 -8.14
CA TYR A 261 -24.05 0.25 -8.56
C TYR A 261 -23.94 -0.68 -7.34
N ALA A 262 -24.79 -1.71 -7.28
CA ALA A 262 -24.75 -2.69 -6.16
C ALA A 262 -23.39 -3.41 -6.10
N ALA A 263 -22.89 -3.66 -4.90
CA ALA A 263 -21.62 -4.38 -4.68
C ALA A 263 -21.65 -5.71 -5.46
N LYS A 264 -22.82 -6.38 -5.52
CA LYS A 264 -22.92 -7.71 -6.24
C LYS A 264 -22.63 -7.59 -7.73
N ASP A 265 -22.71 -6.40 -8.35
CA ASP A 265 -22.53 -6.20 -9.81
C ASP A 265 -21.11 -5.73 -10.16
N ALA A 266 -20.19 -5.63 -9.20
CA ALA A 266 -18.82 -5.10 -9.42
C ALA A 266 -18.05 -5.92 -10.48
N GLU A 267 -18.10 -7.25 -10.43
CA GLU A 267 -17.32 -8.08 -11.40
C GLU A 267 -17.87 -7.93 -12.83
N LYS A 268 -19.20 -7.87 -13.03
CA LYS A 268 -19.80 -7.62 -14.36
C LYS A 268 -19.32 -6.27 -14.91
N ILE A 269 -19.21 -5.25 -14.04
CA ILE A 269 -18.71 -3.92 -14.49
C ILE A 269 -17.23 -4.10 -14.90
N ARG A 270 -16.44 -4.84 -14.12
CA ARG A 270 -15.01 -5.09 -14.51
C ARG A 270 -14.96 -5.78 -15.91
N GLU A 271 -15.85 -6.73 -16.20
CA GLU A 271 -15.86 -7.44 -17.49
C GLU A 271 -16.15 -6.44 -18.62
N LEU A 272 -17.14 -5.57 -18.48
CA LEU A 272 -17.42 -4.51 -19.50
C LEU A 272 -16.16 -3.64 -19.72
N LEU A 273 -15.54 -3.18 -18.66
CA LEU A 273 -14.43 -2.22 -18.82
C LEU A 273 -13.17 -2.91 -19.38
N ARG A 274 -12.93 -4.20 -19.09
CA ARG A 274 -11.82 -4.95 -19.77
C ARG A 274 -12.08 -5.05 -21.28
N LYS A 275 -13.33 -5.26 -21.70
CA LYS A 275 -13.75 -5.36 -23.13
C LYS A 275 -13.62 -4.00 -23.82
N VAL A 276 -14.07 -2.91 -23.18
CA VAL A 276 -13.87 -1.55 -23.75
C VAL A 276 -12.38 -1.15 -23.80
N GLY A 277 -11.57 -1.46 -22.78
CA GLY A 277 -10.12 -1.19 -22.82
C GLY A 277 -9.46 -1.86 -24.01
N GLU A 278 -9.89 -3.08 -24.35
CA GLU A 278 -9.34 -3.90 -25.48
C GLU A 278 -9.78 -3.25 -26.79
N GLU A 279 -11.05 -2.89 -26.90
CA GLU A 279 -11.58 -2.20 -28.10
C GLU A 279 -10.78 -0.91 -28.37
N GLN A 280 -10.38 -0.17 -27.33
CA GLN A 280 -9.71 1.15 -27.46
C GLN A 280 -8.19 0.99 -27.56
N GLY A 281 -7.68 -0.24 -27.63
CA GLY A 281 -6.26 -0.51 -27.88
C GLY A 281 -5.44 -0.44 -26.62
N GLN A 282 -6.03 -0.34 -25.42
CA GLN A 282 -5.26 -0.60 -24.17
C GLN A 282 -4.72 -2.02 -24.26
N GLU A 283 -3.61 -2.29 -23.58
CA GLU A 283 -3.00 -3.64 -23.54
C GLU A 283 -2.83 -4.00 -22.07
N ASN A 284 -3.86 -4.65 -21.50
CA ASN A 284 -3.96 -4.97 -20.06
C ASN A 284 -4.00 -6.49 -19.92
N PRO A 285 -3.32 -7.11 -18.91
CA PRO A 285 -3.50 -8.53 -18.60
C PRO A 285 -4.95 -8.83 -18.26
N PRO A 286 -5.47 -10.06 -18.54
CA PRO A 286 -6.92 -10.33 -18.51
C PRO A 286 -7.55 -10.26 -17.11
N ASP A 287 -6.71 -10.05 -16.09
CA ASP A 287 -7.04 -10.05 -14.64
C ASP A 287 -6.97 -8.63 -14.05
N HIS A 288 -6.43 -7.63 -14.77
CA HIS A 288 -6.21 -6.27 -14.19
C HIS A 288 -7.56 -5.71 -13.76
N ASP A 289 -7.57 -4.76 -12.83
CA ASP A 289 -8.82 -4.30 -12.13
C ASP A 289 -9.15 -2.87 -12.55
N PRO A 290 -10.03 -2.65 -13.54
CA PRO A 290 -10.36 -1.29 -14.03
C PRO A 290 -11.14 -0.43 -13.04
N ILE A 291 -11.81 -1.04 -12.05
CA ILE A 291 -12.45 -0.28 -10.94
C ILE A 291 -11.37 0.25 -9.99
N HIS A 292 -10.43 -0.58 -9.52
CA HIS A 292 -9.37 -0.11 -8.59
C HIS A 292 -8.54 1.00 -9.26
N ASP A 293 -8.28 0.87 -10.55
CA ASP A 293 -7.52 1.85 -11.38
C ASP A 293 -8.11 3.26 -11.33
N GLN A 294 -9.43 3.41 -11.08
CA GLN A 294 -10.06 4.74 -10.90
C GLN A 294 -9.81 5.62 -12.13
N SER A 295 -9.87 5.01 -13.32
CA SER A 295 -9.51 5.67 -14.60
C SER A 295 -10.73 5.84 -15.50
N TRP A 296 -11.89 5.23 -15.18
CA TRP A 296 -13.07 5.29 -16.07
C TRP A 296 -14.18 6.19 -15.49
N TYR A 297 -14.88 6.88 -16.39
CA TYR A 297 -16.20 7.52 -16.11
C TYR A 297 -17.21 6.91 -17.07
N LEU A 298 -18.28 6.32 -16.54
CA LEU A 298 -19.34 5.71 -17.38
C LEU A 298 -20.26 6.80 -17.92
N ASP A 299 -20.08 7.16 -19.21
CA ASP A 299 -20.93 8.16 -19.91
C ASP A 299 -22.24 7.53 -20.34
N GLN A 300 -23.18 8.27 -20.96
CA GLN A 300 -24.49 7.68 -21.35
C GLN A 300 -24.27 6.41 -22.20
N THR A 301 -23.33 6.41 -23.16
CA THR A 301 -23.06 5.24 -24.04
C THR A 301 -22.67 4.01 -23.21
N LEU A 302 -21.72 4.15 -22.28
CA LEU A 302 -21.26 3.01 -21.44
C LEU A 302 -22.36 2.54 -20.47
N ARG A 303 -23.11 3.44 -19.84
CA ARG A 303 -24.20 3.04 -18.93
C ARG A 303 -25.22 2.20 -19.70
N LYS A 304 -25.55 2.60 -20.93
CA LYS A 304 -26.57 1.83 -21.72
C LYS A 304 -26.04 0.43 -22.07
N ARG A 305 -24.77 0.34 -22.40
CA ARG A 305 -24.08 -0.92 -22.77
C ARG A 305 -24.03 -1.83 -21.54
N LEU A 306 -23.82 -1.24 -20.36
CA LEU A 306 -23.79 -2.03 -19.09
C LEU A 306 -25.16 -2.66 -18.87
N TYR A 307 -26.23 -1.89 -19.02
CA TYR A 307 -27.62 -2.37 -18.90
C TYR A 307 -27.92 -3.45 -19.97
N GLU A 308 -27.69 -3.16 -21.24
CA GLU A 308 -28.17 -4.02 -22.37
C GLU A 308 -27.35 -5.32 -22.43
N GLU A 309 -26.02 -5.24 -22.34
CA GLU A 309 -25.08 -6.36 -22.63
C GLU A 309 -24.85 -7.20 -21.36
N TYR A 310 -25.01 -6.62 -20.15
CA TYR A 310 -24.65 -7.31 -18.88
C TYR A 310 -25.81 -7.36 -17.89
N GLY A 311 -26.96 -6.74 -18.17
CA GLY A 311 -28.13 -6.86 -17.29
C GLY A 311 -28.02 -6.06 -15.99
N VAL A 312 -27.15 -5.03 -15.95
CA VAL A 312 -26.84 -4.29 -14.69
C VAL A 312 -27.51 -2.91 -14.71
N GLN A 313 -28.31 -2.63 -13.70
CA GLN A 313 -28.98 -1.31 -13.55
C GLN A 313 -28.40 -0.66 -12.29
N GLY A 314 -28.20 0.64 -12.35
CA GLY A 314 -27.71 1.44 -11.24
C GLY A 314 -28.74 2.39 -10.67
N TRP A 315 -28.27 3.25 -9.77
CA TRP A 315 -29.04 4.35 -9.18
C TRP A 315 -28.40 5.65 -9.70
N ALA A 316 -29.17 6.48 -10.39
CA ALA A 316 -28.77 7.83 -10.80
C ALA A 316 -29.32 8.81 -9.75
N ILE A 317 -28.45 9.53 -9.03
CA ILE A 317 -28.86 10.36 -7.87
C ILE A 317 -28.35 11.80 -8.08
N VAL A 318 -29.22 12.79 -7.95
CA VAL A 318 -28.80 14.21 -7.88
C VAL A 318 -28.76 14.62 -6.40
N GLN A 319 -27.55 14.98 -5.94
CA GLN A 319 -27.27 15.43 -4.55
C GLN A 319 -27.40 16.96 -4.53
N PHE A 320 -28.48 17.46 -3.95
CA PHE A 320 -28.76 18.91 -3.72
C PHE A 320 -28.02 19.41 -2.46
N LEU A 321 -27.95 20.75 -2.30
CA LEU A 321 -27.47 21.33 -1.02
C LEU A 321 -28.19 20.67 0.17
N GLY A 322 -27.42 20.22 1.15
CA GLY A 322 -27.89 19.60 2.41
C GLY A 322 -28.24 18.12 2.27
N ASP A 323 -28.14 17.53 1.08
CA ASP A 323 -28.39 16.06 0.94
C ASP A 323 -27.18 15.27 1.45
N ALA A 324 -27.43 14.23 2.22
CA ALA A 324 -26.45 13.20 2.63
C ALA A 324 -26.66 11.92 1.82
N VAL A 325 -25.65 11.48 1.09
CA VAL A 325 -25.68 10.21 0.29
C VAL A 325 -24.99 9.10 1.11
N PHE A 326 -25.69 8.01 1.40
CA PHE A 326 -25.15 6.81 2.09
C PHE A 326 -24.69 5.84 1.00
N ILE A 327 -23.37 5.51 0.98
CA ILE A 327 -22.77 4.62 -0.08
C ILE A 327 -22.38 3.30 0.58
N PRO A 328 -23.01 2.18 0.19
CA PRO A 328 -22.71 0.88 0.81
C PRO A 328 -21.27 0.42 0.45
N ALA A 329 -20.61 -0.18 1.43
CA ALA A 329 -19.29 -0.83 1.23
C ALA A 329 -19.33 -1.76 0.03
N GLY A 330 -18.32 -1.65 -0.85
CA GLY A 330 -18.22 -2.52 -2.02
C GLY A 330 -18.95 -2.00 -3.25
N ALA A 331 -19.80 -0.96 -3.12
CA ALA A 331 -20.67 -0.44 -4.22
C ALA A 331 -19.84 0.45 -5.14
N PRO A 332 -19.61 0.08 -6.42
CA PRO A 332 -18.92 0.98 -7.34
C PRO A 332 -19.70 2.30 -7.55
N HIS A 333 -19.02 3.45 -7.61
CA HIS A 333 -19.73 4.74 -7.73
C HIS A 333 -18.81 5.80 -8.37
N GLN A 334 -19.45 6.75 -9.05
CA GLN A 334 -18.78 7.89 -9.71
C GLN A 334 -19.59 9.17 -9.45
N VAL A 335 -18.94 10.33 -9.57
CA VAL A 335 -19.52 11.64 -9.19
C VAL A 335 -19.17 12.65 -10.31
N HIS A 336 -20.13 13.45 -10.75
CA HIS A 336 -20.03 14.48 -11.79
C HIS A 336 -20.63 15.78 -11.22
N ASN A 337 -19.81 16.77 -10.87
CA ASN A 337 -20.33 18.05 -10.32
C ASN A 337 -21.05 18.89 -11.39
N LEU A 338 -22.26 19.34 -11.05
CA LEU A 338 -23.09 20.18 -11.95
C LEU A 338 -22.68 21.64 -11.69
N TYR A 339 -22.51 22.00 -10.43
CA TYR A 339 -22.02 23.34 -10.01
C TYR A 339 -20.80 23.11 -9.09
N SER A 340 -20.18 24.18 -8.57
CA SER A 340 -19.04 24.08 -7.63
C SER A 340 -19.55 23.54 -6.29
N CYS A 341 -18.91 22.50 -5.78
CA CYS A 341 -19.36 21.74 -4.57
C CYS A 341 -18.30 21.70 -3.48
N ILE A 342 -18.75 21.85 -2.24
CA ILE A 342 -18.04 21.46 -1.00
C ILE A 342 -18.80 20.27 -0.41
N LYS A 343 -18.15 19.11 -0.44
CA LYS A 343 -18.68 17.87 0.18
C LYS A 343 -17.81 17.47 1.38
N VAL A 344 -18.42 16.92 2.43
CA VAL A 344 -17.69 16.33 3.57
C VAL A 344 -18.18 14.91 3.81
N ALA A 345 -17.27 13.96 3.92
CA ALA A 345 -17.66 12.54 4.02
C ALA A 345 -17.01 11.88 5.23
N GLU A 346 -17.75 10.96 5.87
CA GLU A 346 -17.22 10.18 7.02
C GLU A 346 -17.35 8.69 6.69
N ASP A 347 -16.31 7.91 6.90
CA ASP A 347 -16.39 6.44 6.72
C ASP A 347 -16.87 5.79 8.02
N PHE A 348 -17.53 4.64 7.91
CA PHE A 348 -18.03 3.84 9.07
C PHE A 348 -18.11 2.38 8.61
N VAL A 349 -18.25 1.44 9.55
CA VAL A 349 -18.33 -0.01 9.25
C VAL A 349 -19.62 -0.57 9.90
N SER A 350 -20.70 -0.67 9.14
CA SER A 350 -21.97 -1.23 9.64
C SER A 350 -21.84 -2.75 9.72
N PRO A 351 -22.57 -3.40 10.66
CA PRO A 351 -22.61 -4.84 10.72
C PRO A 351 -23.18 -5.47 9.45
N GLU A 352 -24.11 -4.77 8.77
CA GLU A 352 -24.78 -5.26 7.54
C GLU A 352 -23.72 -5.53 6.45
N HIS A 353 -22.61 -4.79 6.42
CA HIS A 353 -21.70 -4.84 5.24
C HIS A 353 -20.25 -5.16 5.63
N VAL A 354 -20.04 -5.64 6.86
CA VAL A 354 -18.67 -5.93 7.38
C VAL A 354 -17.95 -6.94 6.48
N LYS A 355 -18.61 -7.86 5.80
CA LYS A 355 -17.93 -8.84 4.92
C LYS A 355 -17.04 -8.15 3.88
N HIS A 356 -17.34 -6.91 3.47
CA HIS A 356 -16.59 -6.25 2.36
C HIS A 356 -15.19 -5.82 2.78
N CYS A 357 -14.88 -5.73 4.07
CA CYS A 357 -13.52 -5.32 4.56
C CYS A 357 -12.79 -6.53 5.19
N PHE A 358 -13.33 -7.75 5.13
CA PHE A 358 -12.64 -8.95 5.69
C PHE A 358 -11.49 -9.37 4.75
N ARG A 359 -10.34 -9.70 5.34
CA ARG A 359 -9.07 -9.99 4.58
C ARG A 359 -8.95 -11.46 4.18
N LEU A 360 -9.89 -12.35 4.51
CA LEU A 360 -9.82 -13.76 4.05
C LEU A 360 -10.96 -14.13 3.09
N THR A 361 -10.70 -15.10 2.20
CA THR A 361 -11.65 -15.87 1.33
C THR A 361 -12.46 -14.90 0.48
N MET B 23 42.84 -28.98 -2.97
CA MET B 23 41.93 -30.12 -3.17
C MET B 23 40.59 -29.86 -2.43
N THR B 24 40.48 -28.80 -1.62
CA THR B 24 39.16 -28.33 -1.10
C THR B 24 38.23 -28.03 -2.27
N SER B 25 37.06 -28.65 -2.31
CA SER B 25 36.04 -28.44 -3.37
C SER B 25 35.57 -26.98 -3.34
N HIS B 26 35.73 -26.27 -4.46
CA HIS B 26 35.33 -24.87 -4.58
C HIS B 26 35.15 -24.50 -6.02
N SER B 27 34.52 -23.35 -6.25
CA SER B 27 34.48 -22.67 -7.56
C SER B 27 34.33 -21.17 -7.36
N TRP B 28 34.48 -20.39 -8.42
CA TRP B 28 34.53 -18.92 -8.40
C TRP B 28 33.31 -18.46 -9.20
N LEU B 29 32.46 -17.63 -8.60
CA LEU B 29 31.26 -17.05 -9.27
C LEU B 29 31.45 -15.54 -9.40
N CYS B 30 30.41 -14.82 -9.83
CA CYS B 30 30.45 -13.34 -10.05
C CYS B 30 31.77 -13.00 -10.77
N ASP B 31 32.03 -13.70 -11.89
CA ASP B 31 33.19 -13.46 -12.79
C ASP B 31 34.51 -13.48 -11.98
N GLY B 32 34.69 -14.54 -11.16
CA GLY B 32 35.89 -14.77 -10.32
C GLY B 32 35.94 -13.98 -9.01
N ARG B 33 34.93 -13.18 -8.67
CA ARG B 33 34.99 -12.26 -7.50
C ARG B 33 34.29 -12.86 -6.26
N LEU B 34 33.65 -14.04 -6.38
CA LEU B 34 32.93 -14.70 -5.23
C LEU B 34 33.41 -16.15 -5.09
N LEU B 35 34.01 -16.48 -3.94
CA LEU B 35 34.34 -17.87 -3.58
C LEU B 35 33.07 -18.64 -3.21
N CYS B 36 32.88 -19.81 -3.79
CA CYS B 36 31.84 -20.79 -3.42
C CYS B 36 32.52 -22.07 -2.95
N LEU B 37 32.43 -22.39 -1.66
CA LEU B 37 32.89 -23.67 -1.06
C LEU B 37 31.78 -24.70 -1.08
N HIS B 38 32.05 -25.95 -1.48
CA HIS B 38 30.97 -26.93 -1.82
C HIS B 38 30.83 -28.02 -0.77
N ASP B 39 31.81 -28.23 0.11
CA ASP B 39 31.70 -29.21 1.22
C ASP B 39 31.63 -28.48 2.56
N PRO B 40 30.42 -28.35 3.17
CA PRO B 40 30.26 -27.55 4.40
C PRO B 40 31.06 -28.03 5.61
N SER B 41 31.44 -29.31 5.66
CA SER B 41 32.14 -29.93 6.82
C SER B 41 33.65 -30.14 6.57
N ASN B 42 34.25 -29.65 5.49
CA ASN B 42 35.71 -29.81 5.21
C ASN B 42 36.51 -28.93 6.17
N LYS B 43 37.41 -29.53 6.96
CA LYS B 43 38.17 -28.82 8.01
C LYS B 43 39.21 -27.85 7.42
N ASN B 44 39.48 -27.91 6.11
CA ASN B 44 40.44 -27.02 5.40
C ASN B 44 39.74 -25.83 4.72
N ASN B 45 38.43 -25.69 4.90
CA ASN B 45 37.66 -24.57 4.26
C ASN B 45 38.31 -23.22 4.61
N TRP B 46 38.82 -23.01 5.85
CA TRP B 46 39.38 -21.72 6.31
C TRP B 46 40.55 -21.23 5.40
N LYS B 47 41.28 -22.13 4.76
CA LYS B 47 42.52 -21.77 4.02
C LYS B 47 42.28 -20.78 2.89
N ILE B 48 41.29 -21.06 2.01
CA ILE B 48 40.96 -20.18 0.84
C ILE B 48 40.01 -19.04 1.30
N PHE B 49 39.18 -19.33 2.31
CA PHE B 49 38.24 -18.34 2.90
C PHE B 49 38.98 -17.11 3.38
N ARG B 50 40.13 -17.29 4.07
CA ARG B 50 40.84 -16.22 4.83
C ARG B 50 41.10 -15.00 3.95
N GLU B 51 41.76 -15.16 2.79
CA GLU B 51 42.15 -13.99 1.97
C GLU B 51 40.90 -13.29 1.37
N CYS B 52 39.88 -14.03 0.96
CA CYS B 52 38.62 -13.39 0.43
C CYS B 52 37.99 -12.50 1.53
N TRP B 53 37.91 -13.03 2.75
CA TRP B 53 37.34 -12.36 3.96
C TRP B 53 38.22 -11.16 4.35
N LYS B 54 39.55 -11.30 4.25
CA LYS B 54 40.47 -10.17 4.55
C LYS B 54 40.24 -9.02 3.56
N GLN B 55 39.93 -9.31 2.30
CA GLN B 55 39.72 -8.29 1.26
C GLN B 55 38.29 -7.74 1.35
N GLY B 56 37.46 -8.23 2.26
CA GLY B 56 36.11 -7.66 2.50
C GLY B 56 35.04 -8.20 1.55
N GLN B 57 35.28 -9.36 0.97
CA GLN B 57 34.31 -10.05 0.09
C GLN B 57 33.34 -10.89 0.90
N PRO B 58 32.06 -10.96 0.44
CA PRO B 58 31.18 -12.05 0.88
C PRO B 58 31.70 -13.38 0.34
N VAL B 59 31.30 -14.47 0.99
CA VAL B 59 31.64 -15.87 0.63
C VAL B 59 30.35 -16.70 0.65
N LEU B 60 30.19 -17.66 -0.26
CA LEU B 60 29.05 -18.60 -0.23
C LEU B 60 29.55 -20.02 0.10
N VAL B 61 28.81 -20.78 0.91
CA VAL B 61 29.04 -22.23 1.16
C VAL B 61 27.74 -22.99 0.82
N SER B 62 27.81 -23.96 -0.09
CA SER B 62 26.62 -24.76 -0.54
C SER B 62 26.53 -26.08 0.23
N GLY B 63 25.34 -26.71 0.22
CA GLY B 63 25.13 -28.08 0.73
C GLY B 63 24.74 -28.17 2.20
N VAL B 64 24.45 -27.05 2.90
CA VAL B 64 24.19 -27.13 4.38
C VAL B 64 22.88 -27.93 4.65
N HIS B 65 21.93 -27.92 3.72
CA HIS B 65 20.60 -28.57 3.87
C HIS B 65 20.80 -30.09 4.02
N LYS B 66 21.85 -30.62 3.39
CA LYS B 66 22.16 -32.06 3.42
C LYS B 66 22.62 -32.47 4.82
N LYS B 67 23.08 -31.54 5.66
CA LYS B 67 23.52 -31.81 7.05
C LYS B 67 22.38 -31.65 8.08
N LEU B 68 21.24 -31.07 7.70
CA LEU B 68 20.14 -30.77 8.67
C LEU B 68 19.10 -31.91 8.68
N LYS B 69 18.29 -31.96 9.75
CA LYS B 69 17.06 -32.80 9.83
C LYS B 69 15.92 -32.11 9.12
N SER B 70 15.62 -32.50 7.89
CA SER B 70 14.71 -31.73 6.98
C SER B 70 13.31 -31.58 7.62
N GLU B 71 12.84 -32.60 8.36
CA GLU B 71 11.48 -32.62 8.99
C GLU B 71 11.36 -31.44 9.99
N LEU B 72 12.46 -30.94 10.57
CA LEU B 72 12.43 -29.82 11.55
C LEU B 72 12.20 -28.46 10.84
N TRP B 73 12.39 -28.32 9.52
CA TRP B 73 12.46 -26.99 8.87
C TRP B 73 11.28 -26.80 7.90
N LYS B 74 10.16 -27.52 8.07
CA LYS B 74 9.00 -27.45 7.14
C LYS B 74 7.97 -26.46 7.65
N PRO B 75 7.34 -25.67 6.77
CA PRO B 75 6.28 -24.73 7.18
C PRO B 75 5.16 -25.42 7.98
N GLU B 76 4.75 -26.63 7.55
CA GLU B 76 3.67 -27.43 8.19
C GLU B 76 4.02 -27.71 9.65
N ALA B 77 5.29 -27.97 10.00
CA ALA B 77 5.70 -28.26 11.38
C ALA B 77 5.65 -27.00 12.24
N PHE B 78 6.08 -25.84 11.73
CA PHE B 78 6.02 -24.57 12.50
C PHE B 78 4.54 -24.25 12.80
N SER B 79 3.64 -24.44 11.83
CA SER B 79 2.20 -24.14 11.98
C SER B 79 1.58 -25.05 13.05
N GLN B 80 1.84 -26.36 13.00
CA GLN B 80 1.26 -27.33 13.97
C GLN B 80 1.83 -27.09 15.36
N GLU B 81 3.13 -26.83 15.49
CA GLU B 81 3.80 -26.67 16.80
C GLU B 81 3.52 -25.31 17.43
N PHE B 82 3.38 -24.23 16.65
CA PHE B 82 3.44 -22.86 17.23
C PHE B 82 2.30 -21.96 16.73
N GLY B 83 1.30 -22.52 16.05
CA GLY B 83 0.34 -21.80 15.21
C GLY B 83 -0.63 -20.94 16.00
N ASP B 84 -0.79 -21.15 17.32
CA ASP B 84 -1.82 -20.40 18.10
C ASP B 84 -1.15 -19.21 18.77
N GLN B 85 0.14 -18.96 18.52
CA GLN B 85 0.83 -17.75 19.02
C GLN B 85 0.32 -16.50 18.27
N ASP B 86 0.30 -15.37 18.95
CA ASP B 86 -0.06 -14.05 18.38
C ASP B 86 1.21 -13.38 17.86
N VAL B 87 1.12 -12.70 16.73
CA VAL B 87 2.32 -12.14 16.07
C VAL B 87 1.92 -10.94 15.20
N ASP B 88 2.89 -10.10 14.86
CA ASP B 88 2.71 -9.06 13.82
C ASP B 88 3.31 -9.51 12.49
N LEU B 89 2.69 -9.07 11.39
CA LEU B 89 3.23 -9.25 10.03
C LEU B 89 3.48 -7.88 9.39
N VAL B 90 4.36 -7.86 8.37
CA VAL B 90 4.65 -6.66 7.55
C VAL B 90 4.26 -6.95 6.10
N ASN B 91 3.46 -6.07 5.52
CA ASN B 91 3.16 -6.06 4.07
C ASN B 91 4.40 -5.52 3.33
N CYS B 92 5.11 -6.36 2.57
CA CYS B 92 6.38 -5.99 1.88
C CYS B 92 6.16 -4.88 0.83
N ARG B 93 4.98 -4.76 0.21
CA ARG B 93 4.70 -3.74 -0.84
C ARG B 93 4.55 -2.31 -0.29
N ASN B 94 4.05 -2.12 0.94
CA ASN B 94 3.77 -0.77 1.47
C ASN B 94 4.32 -0.58 2.89
N CYS B 95 5.07 -1.54 3.44
CA CYS B 95 5.66 -1.51 4.80
C CYS B 95 4.61 -1.42 5.92
N ALA B 96 3.31 -1.59 5.64
CA ALA B 96 2.26 -1.54 6.68
C ALA B 96 2.37 -2.73 7.67
N ILE B 97 2.14 -2.50 8.97
CA ILE B 97 2.05 -3.57 10.01
C ILE B 97 0.62 -4.11 10.11
N ILE B 98 0.47 -5.43 10.01
CA ILE B 98 -0.77 -6.19 10.31
C ILE B 98 -0.59 -6.77 11.72
N SER B 99 -1.16 -6.12 12.74
CA SER B 99 -0.91 -6.45 14.16
C SER B 99 -1.83 -7.55 14.69
N ASP B 100 -1.24 -8.42 15.52
CA ASP B 100 -1.93 -9.33 16.45
C ASP B 100 -2.82 -10.32 15.69
N VAL B 101 -2.25 -11.05 14.72
CA VAL B 101 -2.91 -12.19 14.03
C VAL B 101 -2.21 -13.48 14.48
N LYS B 102 -2.73 -14.62 14.07
CA LYS B 102 -2.19 -15.94 14.49
C LYS B 102 -1.03 -16.36 13.58
N VAL B 103 0.04 -16.92 14.17
CA VAL B 103 1.20 -17.52 13.46
C VAL B 103 0.68 -18.46 12.35
N ARG B 104 -0.36 -19.26 12.61
CA ARG B 104 -0.88 -20.20 11.58
C ARG B 104 -1.44 -19.47 10.35
N ASP B 105 -1.92 -18.22 10.46
CA ASP B 105 -2.43 -17.47 9.28
C ASP B 105 -1.26 -17.05 8.38
N PHE B 106 -0.04 -16.90 8.89
CA PHE B 106 1.16 -16.68 8.02
C PHE B 106 1.54 -18.02 7.37
N TRP B 107 1.74 -19.08 8.16
CA TRP B 107 2.30 -20.35 7.60
C TRP B 107 1.31 -21.03 6.65
N ASP B 108 -0.01 -20.92 6.85
CA ASP B 108 -0.94 -21.68 5.97
C ASP B 108 -1.05 -21.05 4.56
N GLY B 109 -0.61 -19.80 4.36
CA GLY B 109 -0.45 -19.15 3.05
C GLY B 109 0.97 -19.24 2.46
N PHE B 110 1.89 -19.93 3.12
CA PHE B 110 3.33 -19.90 2.67
C PHE B 110 3.44 -20.35 1.19
N GLU B 111 2.71 -21.41 0.81
CA GLU B 111 2.80 -22.00 -0.55
C GLU B 111 1.45 -22.07 -1.27
N ILE B 112 0.35 -21.62 -0.64
CA ILE B 112 -1.03 -21.60 -1.19
C ILE B 112 -1.49 -20.15 -1.25
N ILE B 113 -1.44 -19.53 -2.42
CA ILE B 113 -1.67 -18.06 -2.59
C ILE B 113 -3.11 -17.71 -2.19
N CYS B 114 -4.08 -18.59 -2.45
CA CYS B 114 -5.53 -18.25 -2.26
C CYS B 114 -5.83 -18.20 -0.75
N LYS B 115 -4.98 -18.77 0.11
CA LYS B 115 -5.14 -18.79 1.59
C LYS B 115 -4.53 -17.56 2.27
N ARG B 116 -3.87 -16.65 1.53
CA ARG B 116 -3.15 -15.50 2.13
C ARG B 116 -4.13 -14.40 2.57
N LEU B 117 -3.77 -13.67 3.62
CA LEU B 117 -4.46 -12.40 3.97
C LEU B 117 -4.35 -11.42 2.80
N ARG B 118 -5.42 -10.68 2.51
CA ARG B 118 -5.49 -9.75 1.36
C ARG B 118 -5.45 -8.29 1.78
N SER B 119 -5.03 -7.43 0.84
CA SER B 119 -4.93 -5.97 1.05
C SER B 119 -6.30 -5.34 0.65
N GLU B 120 -6.42 -4.05 0.89
CA GLU B 120 -7.62 -3.18 0.60
C GLU B 120 -8.09 -3.44 -0.84
N ASP B 121 -7.15 -3.70 -1.76
CA ASP B 121 -7.42 -3.83 -3.21
C ASP B 121 -7.88 -5.25 -3.56
N GLY B 122 -8.07 -6.14 -2.57
CA GLY B 122 -8.54 -7.51 -2.79
C GLY B 122 -7.45 -8.49 -3.24
N GLN B 123 -6.18 -8.03 -3.31
CA GLN B 123 -5.04 -8.85 -3.77
C GLN B 123 -4.41 -9.59 -2.58
N PRO B 124 -3.97 -10.86 -2.76
CA PRO B 124 -3.17 -11.56 -1.76
C PRO B 124 -1.88 -10.78 -1.44
N MET B 125 -1.55 -10.64 -0.15
CA MET B 125 -0.39 -9.81 0.25
C MET B 125 0.87 -10.68 0.15
N VAL B 126 1.99 -10.03 -0.06
CA VAL B 126 3.35 -10.60 0.15
C VAL B 126 3.77 -10.17 1.57
N LEU B 127 3.85 -11.14 2.49
CA LEU B 127 3.99 -10.87 3.93
C LEU B 127 5.34 -11.38 4.45
N LYS B 128 5.89 -10.68 5.45
CA LYS B 128 6.99 -11.21 6.29
C LYS B 128 6.55 -11.29 7.75
N LEU B 129 7.00 -12.33 8.41
CA LEU B 129 6.71 -12.54 9.83
C LEU B 129 7.70 -11.67 10.61
N LYS B 130 7.22 -10.78 11.45
CA LYS B 130 8.05 -9.81 12.18
C LYS B 130 8.50 -10.40 13.53
N ASP B 131 9.79 -10.33 13.78
CA ASP B 131 10.39 -10.58 15.12
C ASP B 131 9.86 -11.92 15.66
N TRP B 132 10.08 -13.02 14.93
CA TRP B 132 9.61 -14.35 15.39
C TRP B 132 10.66 -15.44 15.15
N PRO B 133 10.98 -16.29 16.16
CA PRO B 133 10.62 -16.09 17.55
C PRO B 133 11.13 -14.76 18.07
N PRO B 134 10.44 -14.12 19.04
CA PRO B 134 10.75 -12.76 19.42
C PRO B 134 12.08 -12.63 20.19
N GLY B 135 12.72 -11.49 20.01
CA GLY B 135 13.96 -11.12 20.69
C GLY B 135 14.92 -12.29 20.64
N GLU B 136 15.25 -12.84 21.80
CA GLU B 136 16.30 -13.87 22.00
C GLU B 136 15.64 -15.18 22.41
N ASP B 137 14.36 -15.37 22.09
CA ASP B 137 13.60 -16.57 22.53
C ASP B 137 13.90 -17.80 21.66
N PHE B 138 14.75 -17.70 20.63
CA PHE B 138 14.90 -18.80 19.61
C PHE B 138 15.35 -20.08 20.30
N ARG B 139 16.38 -20.01 21.13
CA ARG B 139 16.91 -21.21 21.84
C ARG B 139 15.85 -21.76 22.82
N ASP B 140 15.18 -20.89 23.58
CA ASP B 140 14.19 -21.33 24.59
C ASP B 140 12.97 -21.91 23.90
N MET B 141 12.49 -21.27 22.81
CA MET B 141 11.24 -21.73 22.15
C MET B 141 11.52 -22.98 21.31
N MET B 142 12.69 -23.07 20.66
CA MET B 142 12.94 -24.12 19.62
C MET B 142 14.28 -24.81 19.87
N PRO B 143 14.46 -25.50 21.03
CA PRO B 143 15.78 -26.06 21.37
C PRO B 143 16.34 -27.09 20.38
N THR B 144 15.51 -27.93 19.75
CA THR B 144 15.98 -29.00 18.81
C THR B 144 16.41 -28.36 17.47
N ARG B 145 15.69 -27.34 16.99
CA ARG B 145 16.14 -26.54 15.81
C ARG B 145 17.45 -25.79 16.11
N PHE B 146 17.61 -25.22 17.30
CA PHE B 146 18.85 -24.50 17.69
C PHE B 146 20.04 -25.47 17.60
N GLU B 147 19.90 -26.66 18.17
CA GLU B 147 20.97 -27.70 18.19
C GLU B 147 21.29 -28.13 16.77
N ASP B 148 20.26 -28.35 15.95
CA ASP B 148 20.40 -28.81 14.55
C ASP B 148 21.20 -27.76 13.77
N LEU B 149 20.86 -26.47 13.90
CA LEU B 149 21.56 -25.40 13.13
C LEU B 149 23.01 -25.20 13.61
N MET B 150 23.26 -25.05 14.91
CA MET B 150 24.61 -24.70 15.45
C MET B 150 25.61 -25.83 15.21
N GLU B 151 25.20 -27.11 15.29
CA GLU B 151 26.11 -28.25 15.05
C GLU B 151 26.51 -28.33 13.58
N ASN B 152 25.78 -27.67 12.67
CA ASN B 152 26.00 -27.86 11.23
C ASN B 152 26.39 -26.55 10.53
N LEU B 153 26.64 -25.45 11.28
CA LEU B 153 27.11 -24.18 10.64
C LEU B 153 28.51 -24.38 10.07
N PRO B 154 28.74 -23.91 8.83
CA PRO B 154 30.06 -23.97 8.24
C PRO B 154 31.02 -22.97 8.90
N LEU B 155 32.31 -23.14 8.60
CA LEU B 155 33.41 -22.34 9.21
C LEU B 155 33.19 -22.20 10.72
N PRO B 156 33.03 -23.33 11.45
CA PRO B 156 32.63 -23.29 12.87
C PRO B 156 33.65 -22.62 13.80
N GLU B 157 34.95 -22.58 13.46
CA GLU B 157 35.95 -21.86 14.29
C GLU B 157 35.58 -20.36 14.29
N TYR B 158 34.89 -19.87 13.24
CA TYR B 158 34.48 -18.45 13.08
C TYR B 158 33.06 -18.25 13.62
N THR B 159 32.15 -19.19 13.39
CA THR B 159 30.68 -18.96 13.56
C THR B 159 30.12 -19.46 14.90
N LYS B 160 30.66 -20.50 15.54
CA LYS B 160 30.11 -21.03 16.83
C LYS B 160 30.59 -20.16 18.02
N ARG B 161 29.81 -20.10 19.11
N ARG B 161 29.80 -20.13 19.09
CA ARG B 161 30.12 -19.23 20.28
CA ARG B 161 30.06 -19.29 20.30
C ARG B 161 31.52 -19.55 20.82
C ARG B 161 31.47 -19.56 20.85
N ASP B 162 31.88 -20.84 20.92
CA ASP B 162 33.20 -21.24 21.48
C ASP B 162 34.20 -21.49 20.35
N GLY B 163 33.97 -20.97 19.13
CA GLY B 163 34.93 -21.06 18.02
C GLY B 163 36.28 -20.43 18.39
N ARG B 164 37.39 -21.06 17.98
CA ARG B 164 38.78 -20.56 18.23
C ARG B 164 38.89 -19.08 17.81
N LEU B 165 38.27 -18.72 16.68
CA LEU B 165 38.44 -17.38 16.03
C LEU B 165 37.15 -16.55 16.11
N ASN B 166 36.17 -16.94 16.93
CA ASN B 166 35.00 -16.06 17.20
C ASN B 166 35.32 -15.24 18.44
N LEU B 167 35.39 -13.90 18.32
CA LEU B 167 35.77 -13.02 19.47
C LEU B 167 34.52 -12.52 20.22
N ALA B 168 33.31 -12.83 19.73
CA ALA B 168 32.08 -12.20 20.28
C ALA B 168 31.94 -12.42 21.79
N SER B 169 32.28 -13.59 22.36
CA SER B 169 32.03 -13.82 23.81
C SER B 169 33.14 -13.22 24.67
N ARG B 170 34.27 -12.79 24.08
CA ARG B 170 35.45 -12.30 24.84
C ARG B 170 35.54 -10.78 24.86
N LEU B 171 34.98 -10.08 23.89
CA LEU B 171 35.17 -8.61 23.75
C LEU B 171 34.15 -7.81 24.54
N PRO B 172 34.57 -6.61 25.04
CA PRO B 172 33.64 -5.65 25.66
C PRO B 172 32.55 -5.08 24.74
N SER B 173 31.54 -4.42 25.34
CA SER B 173 30.33 -3.95 24.62
C SER B 173 30.64 -2.85 23.59
N TYR B 174 31.80 -2.19 23.65
CA TYR B 174 32.19 -1.18 22.62
C TYR B 174 32.62 -1.86 21.31
N PHE B 175 32.72 -3.20 21.25
CA PHE B 175 32.96 -3.95 19.98
C PHE B 175 31.69 -4.69 19.53
N VAL B 176 30.85 -5.20 20.47
CA VAL B 176 29.82 -6.23 20.15
C VAL B 176 28.74 -6.27 21.23
N ARG B 177 27.49 -6.49 20.82
CA ARG B 177 26.36 -6.71 21.74
C ARG B 177 26.55 -8.04 22.46
N PRO B 178 26.21 -8.16 23.75
CA PRO B 178 26.39 -9.41 24.49
C PRO B 178 25.39 -10.51 24.09
N ASP B 179 25.80 -11.77 24.33
CA ASP B 179 24.95 -12.99 24.26
C ASP B 179 24.26 -13.06 22.89
N LEU B 180 25.04 -13.14 21.80
CA LEU B 180 24.52 -13.29 20.40
C LEU B 180 23.82 -14.65 20.30
N GLY B 181 22.70 -14.69 19.56
CA GLY B 181 21.92 -15.93 19.31
C GLY B 181 21.29 -15.83 17.93
N PRO B 182 20.83 -16.97 17.36
CA PRO B 182 20.33 -16.99 15.99
C PRO B 182 18.98 -16.29 15.87
N LYS B 183 18.69 -15.80 14.66
CA LYS B 183 17.43 -15.08 14.31
C LYS B 183 16.85 -15.72 13.06
N MET B 184 15.55 -15.95 13.04
CA MET B 184 14.83 -16.62 11.93
C MET B 184 14.19 -15.53 11.06
N TYR B 185 14.19 -15.67 9.73
CA TYR B 185 13.66 -14.67 8.76
C TYR B 185 12.76 -15.38 7.77
N ASN B 186 11.45 -15.13 7.88
CA ASN B 186 10.38 -15.92 7.24
C ASN B 186 9.54 -14.94 6.40
N ALA B 187 9.50 -15.09 5.09
CA ALA B 187 8.71 -14.18 4.23
C ALA B 187 8.30 -14.90 2.94
N TYR B 188 7.17 -14.49 2.36
CA TYR B 188 6.66 -14.96 1.06
C TYR B 188 7.56 -14.44 -0.07
N GLY B 189 7.46 -15.08 -1.24
CA GLY B 189 8.10 -14.63 -2.50
C GLY B 189 7.39 -13.42 -3.10
N LEU B 190 8.15 -12.46 -3.62
CA LEU B 190 7.64 -11.36 -4.48
C LEU B 190 7.22 -11.93 -5.86
N ILE B 191 6.13 -11.40 -6.46
CA ILE B 191 5.36 -12.11 -7.54
C ILE B 191 5.29 -11.31 -8.85
N THR B 192 4.98 -10.01 -8.79
CA THR B 192 4.57 -9.22 -9.99
C THR B 192 5.75 -8.50 -10.62
N ALA B 193 5.56 -7.93 -11.83
CA ALA B 193 6.54 -7.05 -12.49
C ALA B 193 6.82 -5.83 -11.61
N GLU B 194 5.77 -5.25 -11.00
CA GLU B 194 5.91 -4.08 -10.10
C GLU B 194 6.71 -4.51 -8.86
N ASP B 195 6.57 -5.77 -8.43
CA ASP B 195 7.29 -6.34 -7.26
C ASP B 195 8.82 -6.38 -7.50
N ARG B 196 9.28 -6.37 -8.74
CA ARG B 196 10.74 -6.44 -9.06
C ARG B 196 11.49 -5.29 -8.39
N ARG B 197 10.84 -4.16 -8.12
CA ARG B 197 11.46 -2.95 -7.52
C ARG B 197 11.32 -2.93 -5.99
N VAL B 198 10.80 -4.01 -5.38
CA VAL B 198 10.51 -4.07 -3.92
C VAL B 198 11.56 -4.98 -3.27
N GLY B 199 12.01 -4.65 -2.06
CA GLY B 199 12.84 -5.56 -1.23
C GLY B 199 11.99 -6.37 -0.25
N THR B 200 12.36 -7.62 0.02
CA THR B 200 11.96 -8.33 1.25
C THR B 200 12.64 -7.62 2.43
N THR B 201 13.95 -7.35 2.29
CA THR B 201 14.76 -6.59 3.30
C THR B 201 15.44 -5.45 2.57
N ASN B 202 15.15 -4.20 2.95
CA ASN B 202 15.70 -3.02 2.27
C ASN B 202 17.19 -2.89 2.58
N LEU B 203 17.88 -2.13 1.73
CA LEU B 203 19.33 -1.85 1.86
C LEU B 203 19.63 -1.36 3.29
N HIS B 204 20.58 -2.00 3.95
CA HIS B 204 20.99 -1.68 5.35
C HIS B 204 22.41 -2.20 5.56
N LEU B 205 23.02 -1.91 6.71
CA LEU B 205 24.25 -2.63 7.13
C LEU B 205 24.07 -3.16 8.56
N ASP B 206 24.91 -4.11 8.96
CA ASP B 206 24.93 -4.70 10.33
C ASP B 206 26.29 -4.39 10.95
N VAL B 207 26.34 -4.25 12.29
CA VAL B 207 27.56 -3.80 13.03
C VAL B 207 28.48 -4.98 13.34
N SER B 208 28.04 -6.22 13.11
CA SER B 208 28.89 -7.43 13.30
C SER B 208 28.98 -8.19 11.97
N ASP B 209 29.90 -9.16 11.89
CA ASP B 209 29.87 -10.18 10.82
C ASP B 209 28.61 -11.05 11.02
N ALA B 210 28.14 -11.70 9.95
CA ALA B 210 27.01 -12.66 10.01
C ALA B 210 27.11 -13.76 8.94
N VAL B 211 26.46 -14.89 9.23
CA VAL B 211 26.19 -15.98 8.27
C VAL B 211 24.68 -16.22 8.21
N ASN B 212 24.14 -16.31 7.00
CA ASN B 212 22.67 -16.52 6.72
C ASN B 212 22.51 -17.83 5.94
N VAL B 213 21.82 -18.80 6.52
CA VAL B 213 21.56 -20.15 5.92
C VAL B 213 20.11 -20.22 5.40
N MET B 214 19.93 -20.60 4.14
CA MET B 214 18.60 -20.92 3.52
C MET B 214 18.23 -22.34 3.95
N VAL B 215 17.24 -22.52 4.83
CA VAL B 215 16.88 -23.88 5.32
C VAL B 215 15.64 -24.43 4.60
N TYR B 216 14.84 -23.61 3.94
CA TYR B 216 13.60 -24.10 3.24
C TYR B 216 13.20 -23.11 2.16
N VAL B 217 12.81 -23.62 1.00
CA VAL B 217 12.30 -22.81 -0.15
C VAL B 217 10.97 -23.43 -0.63
N GLY B 218 9.90 -22.63 -0.58
CA GLY B 218 8.52 -23.07 -0.89
C GLY B 218 8.10 -22.48 -2.20
N ILE B 219 7.91 -23.32 -3.20
CA ILE B 219 7.40 -22.89 -4.54
C ILE B 219 5.90 -23.22 -4.64
N PRO B 220 5.00 -22.21 -4.73
CA PRO B 220 3.59 -22.49 -5.03
C PRO B 220 3.45 -23.07 -6.45
N ILE B 221 2.44 -23.94 -6.72
CA ILE B 221 2.06 -24.36 -8.11
C ILE B 221 0.87 -23.52 -8.60
N ALA B 225 3.29 -22.79 -12.58
CA ALA B 225 4.62 -22.33 -13.05
C ALA B 225 4.53 -20.85 -13.48
N HIS B 226 4.89 -19.95 -12.57
CA HIS B 226 5.09 -18.50 -12.81
C HIS B 226 6.58 -18.20 -12.61
N ASP B 227 7.42 -19.22 -12.88
CA ASP B 227 8.89 -19.13 -13.11
C ASP B 227 9.22 -17.97 -14.08
N GLU B 228 8.23 -17.51 -14.85
CA GLU B 228 8.39 -16.46 -15.90
C GLU B 228 9.02 -15.20 -15.33
N GLU B 229 8.31 -14.52 -14.41
CA GLU B 229 8.78 -13.27 -13.75
C GLU B 229 10.06 -13.58 -12.96
N VAL B 230 10.16 -14.78 -12.37
CA VAL B 230 11.36 -15.18 -11.56
C VAL B 230 12.62 -15.17 -12.43
N LEU B 231 12.61 -15.82 -13.61
CA LEU B 231 13.78 -15.81 -14.54
C LEU B 231 14.11 -14.38 -15.02
N LYS B 232 13.12 -13.53 -15.27
CA LYS B 232 13.34 -12.13 -15.70
C LYS B 232 13.91 -11.32 -14.52
N THR B 233 13.52 -11.61 -13.27
CA THR B 233 14.04 -10.90 -12.07
C THR B 233 15.52 -11.25 -11.91
N ILE B 234 15.88 -12.53 -12.10
CA ILE B 234 17.29 -13.03 -12.01
C ILE B 234 18.16 -12.29 -13.04
N ASP B 235 17.65 -12.14 -14.26
CA ASP B 235 18.45 -11.63 -15.40
C ASP B 235 18.70 -10.11 -15.20
N GLU B 236 17.63 -9.35 -15.02
CA GLU B 236 17.63 -7.89 -14.71
C GLU B 236 18.44 -7.63 -13.42
N GLY B 237 18.45 -8.61 -12.50
CA GLY B 237 19.19 -8.55 -11.21
C GLY B 237 20.70 -8.64 -11.43
N ASP B 238 21.15 -9.08 -12.61
CA ASP B 238 22.59 -9.08 -13.01
C ASP B 238 23.29 -10.33 -12.47
N ALA B 239 22.57 -11.42 -12.21
CA ALA B 239 23.19 -12.74 -11.89
C ALA B 239 24.10 -13.22 -13.02
N ASP B 240 25.13 -14.02 -12.72
CA ASP B 240 26.17 -14.45 -13.70
C ASP B 240 25.62 -15.63 -14.51
N GLU B 241 26.24 -16.01 -15.63
CA GLU B 241 25.66 -17.03 -16.56
C GLU B 241 25.62 -18.38 -15.82
N VAL B 242 26.62 -18.69 -15.01
CA VAL B 242 26.72 -19.99 -14.28
C VAL B 242 25.47 -20.16 -13.38
N THR B 243 25.07 -19.08 -12.71
CA THR B 243 23.86 -19.04 -11.84
C THR B 243 22.59 -19.27 -12.68
N LYS B 244 22.49 -18.59 -13.82
CA LYS B 244 21.33 -18.62 -14.75
C LYS B 244 21.14 -20.04 -15.29
N GLU B 245 22.03 -20.49 -16.17
CA GLU B 245 21.90 -21.80 -16.86
C GLU B 245 21.68 -22.90 -15.82
N ARG B 246 22.16 -22.70 -14.59
CA ARG B 246 22.08 -23.68 -13.48
C ARG B 246 20.65 -23.91 -12.97
N ILE B 247 19.81 -22.89 -12.93
CA ILE B 247 18.41 -23.06 -12.42
C ILE B 247 17.65 -24.05 -13.34
N HIS B 248 18.26 -24.47 -14.47
CA HIS B 248 17.76 -25.52 -15.42
C HIS B 248 18.64 -26.78 -15.42
N ASP B 249 19.96 -26.65 -15.30
CA ASP B 249 20.96 -27.73 -15.49
C ASP B 249 20.78 -28.84 -14.43
N HIS B 250 20.71 -28.45 -13.16
CA HIS B 250 20.06 -29.22 -12.07
C HIS B 250 18.63 -28.67 -11.91
N LYS B 251 17.89 -29.11 -10.91
CA LYS B 251 16.65 -28.42 -10.48
C LYS B 251 16.86 -28.02 -9.01
N GLU B 252 17.86 -27.20 -8.73
CA GLU B 252 18.05 -26.59 -7.39
C GLU B 252 16.98 -25.50 -7.27
N LYS B 253 16.43 -25.35 -6.07
CA LYS B 253 15.37 -24.37 -5.77
C LYS B 253 16.02 -23.04 -5.43
N PRO B 254 15.90 -21.99 -6.26
CA PRO B 254 16.41 -20.65 -5.92
C PRO B 254 15.49 -19.95 -4.91
N GLY B 255 16.04 -19.39 -3.82
CA GLY B 255 15.21 -18.75 -2.77
C GLY B 255 15.18 -17.24 -2.89
N ALA B 256 16.34 -16.58 -2.85
CA ALA B 256 16.41 -15.13 -2.76
C ALA B 256 17.58 -14.55 -3.58
N LEU B 257 17.37 -13.35 -4.10
CA LEU B 257 18.34 -12.53 -4.85
C LEU B 257 18.88 -11.45 -3.91
N TRP B 258 20.19 -11.50 -3.65
CA TRP B 258 20.92 -10.53 -2.79
C TRP B 258 21.73 -9.58 -3.69
N HIS B 259 21.84 -8.34 -3.29
CA HIS B 259 22.91 -7.40 -3.72
C HIS B 259 23.72 -6.99 -2.50
N ILE B 260 25.03 -7.27 -2.52
CA ILE B 260 25.96 -6.94 -1.42
C ILE B 260 27.01 -5.97 -1.95
N TYR B 261 27.36 -4.95 -1.17
CA TYR B 261 28.41 -3.93 -1.50
C TYR B 261 29.52 -4.01 -0.45
N ALA B 262 30.78 -3.74 -0.83
CA ALA B 262 31.92 -3.61 0.11
C ALA B 262 31.71 -2.50 1.15
N ALA B 263 32.14 -2.78 2.38
CA ALA B 263 32.09 -1.85 3.51
C ALA B 263 32.75 -0.52 3.12
N LYS B 264 33.80 -0.54 2.30
CA LYS B 264 34.51 0.74 1.96
C LYS B 264 33.71 1.60 0.97
N ASP B 265 32.61 1.08 0.38
CA ASP B 265 31.77 1.81 -0.63
C ASP B 265 30.50 2.37 0.02
N ALA B 266 30.31 2.23 1.35
CA ALA B 266 29.06 2.65 2.02
C ALA B 266 28.84 4.17 1.82
N GLU B 267 29.87 5.01 1.95
CA GLU B 267 29.69 6.49 1.88
C GLU B 267 29.32 6.95 0.46
N LYS B 268 29.87 6.33 -0.57
CA LYS B 268 29.50 6.59 -1.99
C LYS B 268 28.02 6.26 -2.17
N ILE B 269 27.53 5.17 -1.56
CA ILE B 269 26.10 4.80 -1.69
C ILE B 269 25.25 5.89 -1.01
N ARG B 270 25.68 6.38 0.15
CA ARG B 270 24.92 7.43 0.89
C ARG B 270 24.88 8.71 0.05
N GLU B 271 25.97 9.11 -0.61
CA GLU B 271 25.97 10.33 -1.46
C GLU B 271 24.87 10.15 -2.52
N LEU B 272 24.91 9.03 -3.26
CA LEU B 272 23.91 8.79 -4.33
C LEU B 272 22.49 8.93 -3.76
N LEU B 273 22.16 8.28 -2.65
CA LEU B 273 20.75 8.27 -2.17
C LEU B 273 20.35 9.61 -1.50
N ARG B 274 21.30 10.39 -0.96
CA ARG B 274 21.00 11.79 -0.50
C ARG B 274 20.51 12.60 -1.71
N LYS B 275 21.26 12.59 -2.81
CA LYS B 275 20.92 13.24 -4.11
C LYS B 275 19.52 12.77 -4.55
N VAL B 276 19.33 11.47 -4.77
CA VAL B 276 18.04 10.90 -5.29
C VAL B 276 16.88 11.31 -4.38
N GLY B 277 17.07 11.36 -3.06
CA GLY B 277 16.01 11.77 -2.12
C GLY B 277 15.64 13.23 -2.32
N GLU B 278 16.65 14.08 -2.52
CA GLU B 278 16.51 15.53 -2.87
C GLU B 278 15.70 15.63 -4.17
N GLU B 279 16.02 14.81 -5.19
CA GLU B 279 15.33 14.79 -6.51
C GLU B 279 13.87 14.35 -6.34
N GLN B 280 13.56 13.50 -5.37
CA GLN B 280 12.19 13.00 -5.11
C GLN B 280 11.46 13.84 -4.04
N GLY B 281 12.01 15.00 -3.67
CA GLY B 281 11.28 15.98 -2.83
C GLY B 281 11.66 15.90 -1.37
N GLN B 282 12.10 14.74 -0.88
CA GLN B 282 12.52 14.55 0.54
C GLN B 282 13.30 15.81 0.97
N GLU B 283 13.05 16.31 2.19
CA GLU B 283 13.82 17.45 2.79
C GLU B 283 14.66 16.90 3.95
N ASN B 284 15.89 16.48 3.64
CA ASN B 284 16.80 15.78 4.59
C ASN B 284 17.99 16.70 4.86
N PRO B 285 18.54 16.73 6.10
CA PRO B 285 19.82 17.40 6.36
C PRO B 285 20.96 16.74 5.59
N PRO B 286 22.12 17.42 5.37
CA PRO B 286 23.23 16.81 4.64
C PRO B 286 23.93 15.73 5.49
N ASP B 287 23.66 15.73 6.81
CA ASP B 287 24.02 14.71 7.83
C ASP B 287 23.38 13.35 7.52
N HIS B 288 22.21 13.38 6.90
CA HIS B 288 21.23 12.27 6.84
C HIS B 288 21.86 10.96 6.32
N ASP B 289 21.49 9.84 6.93
CA ASP B 289 22.08 8.49 6.62
C ASP B 289 21.01 7.59 6.01
N PRO B 290 20.93 7.54 4.67
CA PRO B 290 19.94 6.71 3.97
C PRO B 290 20.08 5.20 4.19
N ILE B 291 21.29 4.75 4.53
CA ILE B 291 21.53 3.30 4.83
C ILE B 291 20.96 3.01 6.22
N HIS B 292 21.21 3.87 7.19
CA HIS B 292 20.63 3.77 8.55
C HIS B 292 19.09 3.79 8.49
N ASP B 293 18.49 4.59 7.61
CA ASP B 293 17.01 4.66 7.46
C ASP B 293 16.39 3.33 6.99
N GLN B 294 17.11 2.45 6.29
CA GLN B 294 16.54 1.15 5.83
C GLN B 294 15.27 1.40 4.99
N SER B 295 15.25 2.46 4.19
CA SER B 295 14.04 2.90 3.44
C SER B 295 14.20 2.66 1.93
N TRP B 296 15.37 2.19 1.45
CA TRP B 296 15.68 2.10 0.00
C TRP B 296 15.82 0.65 -0.47
N TYR B 297 15.38 0.38 -1.70
CA TYR B 297 15.76 -0.86 -2.42
C TYR B 297 16.37 -0.45 -3.76
N LEU B 298 17.63 -0.84 -4.03
CA LEU B 298 18.31 -0.43 -5.30
C LEU B 298 17.76 -1.31 -6.42
N ASP B 299 16.85 -0.73 -7.21
CA ASP B 299 16.27 -1.34 -8.45
C ASP B 299 17.31 -1.24 -9.56
N GLN B 300 17.01 -1.79 -10.73
CA GLN B 300 18.01 -1.81 -11.84
C GLN B 300 18.46 -0.39 -12.19
N THR B 301 17.56 0.60 -12.19
CA THR B 301 17.88 2.01 -12.53
C THR B 301 18.94 2.54 -11.54
N LEU B 302 18.70 2.37 -10.24
CA LEU B 302 19.62 2.92 -9.20
C LEU B 302 20.97 2.19 -9.22
N ARG B 303 20.99 0.86 -9.42
CA ARG B 303 22.25 0.05 -9.47
C ARG B 303 23.12 0.52 -10.65
N LYS B 304 22.50 0.80 -11.81
CA LYS B 304 23.24 1.25 -13.02
C LYS B 304 23.82 2.64 -12.74
N ARG B 305 23.00 3.54 -12.22
CA ARG B 305 23.40 4.91 -11.84
C ARG B 305 24.54 4.90 -10.81
N LEU B 306 24.52 3.97 -9.84
CA LEU B 306 25.59 3.83 -8.81
C LEU B 306 26.91 3.44 -9.48
N TYR B 307 26.87 2.52 -10.45
CA TYR B 307 28.08 2.06 -11.17
C TYR B 307 28.66 3.20 -12.00
N GLU B 308 27.82 3.81 -12.85
N GLU B 308 27.82 3.82 -12.84
CA GLU B 308 28.16 4.92 -13.77
CA GLU B 308 28.22 4.91 -13.78
C GLU B 308 28.76 6.08 -12.99
C GLU B 308 28.77 6.10 -12.99
N GLU B 309 28.00 6.66 -12.07
CA GLU B 309 28.39 7.89 -11.33
C GLU B 309 29.54 7.62 -10.35
N TYR B 310 29.63 6.46 -9.68
CA TYR B 310 30.60 6.32 -8.56
C TYR B 310 31.56 5.15 -8.72
N GLY B 311 31.41 4.33 -9.77
CA GLY B 311 32.28 3.17 -10.04
C GLY B 311 32.00 1.97 -9.17
N VAL B 312 30.84 1.95 -8.47
CA VAL B 312 30.54 0.91 -7.43
C VAL B 312 29.71 -0.20 -8.08
N GLN B 313 30.21 -1.45 -8.05
CA GLN B 313 29.60 -2.64 -8.72
C GLN B 313 28.85 -3.57 -7.73
N GLY B 314 29.45 -3.98 -6.63
CA GLY B 314 28.81 -4.97 -5.71
C GLY B 314 28.63 -6.36 -6.29
N TRP B 315 28.02 -7.28 -5.52
CA TRP B 315 27.87 -8.72 -5.85
C TRP B 315 26.38 -9.06 -5.97
N ALA B 316 25.92 -9.63 -7.09
CA ALA B 316 24.52 -10.13 -7.27
C ALA B 316 24.53 -11.64 -7.02
N ILE B 317 23.96 -12.09 -5.90
CA ILE B 317 24.02 -13.52 -5.44
C ILE B 317 22.60 -14.14 -5.43
N VAL B 318 22.42 -15.31 -6.03
CA VAL B 318 21.19 -16.10 -5.81
C VAL B 318 21.46 -17.17 -4.76
N GLN B 319 20.74 -17.09 -3.64
CA GLN B 319 20.87 -18.03 -2.51
C GLN B 319 19.84 -19.14 -2.74
N PHE B 320 20.32 -20.34 -3.02
CA PHE B 320 19.52 -21.56 -3.19
C PHE B 320 19.34 -22.27 -1.86
N LEU B 321 18.39 -23.21 -1.81
CA LEU B 321 18.23 -24.11 -0.64
C LEU B 321 19.61 -24.64 -0.22
N GLY B 322 19.95 -24.48 1.07
CA GLY B 322 21.20 -24.95 1.70
C GLY B 322 22.40 -24.05 1.52
N ASP B 323 22.26 -22.91 0.83
CA ASP B 323 23.35 -21.92 0.67
C ASP B 323 23.49 -21.08 1.96
N ALA B 324 24.71 -20.99 2.48
CA ALA B 324 25.11 -20.05 3.54
C ALA B 324 25.84 -18.86 2.91
N VAL B 325 25.36 -17.64 3.17
CA VAL B 325 25.94 -16.35 2.70
C VAL B 325 26.65 -15.73 3.89
N PHE B 326 27.97 -15.51 3.75
CA PHE B 326 28.79 -14.80 4.77
C PHE B 326 28.87 -13.32 4.40
N ILE B 327 28.43 -12.45 5.31
CA ILE B 327 28.28 -10.97 5.08
C ILE B 327 29.24 -10.20 6.00
N PRO B 328 30.26 -9.52 5.47
CA PRO B 328 31.20 -8.77 6.30
C PRO B 328 30.53 -7.62 7.07
N ALA B 329 30.95 -7.42 8.32
CA ALA B 329 30.50 -6.26 9.13
C ALA B 329 30.57 -4.96 8.27
N GLY B 330 29.48 -4.20 8.23
CA GLY B 330 29.45 -2.90 7.55
C GLY B 330 29.25 -2.99 6.06
N ALA B 331 29.12 -4.19 5.46
CA ALA B 331 28.87 -4.32 3.99
C ALA B 331 27.38 -4.05 3.75
N PRO B 332 26.97 -2.95 3.08
CA PRO B 332 25.53 -2.73 2.82
C PRO B 332 24.93 -3.87 1.98
N HIS B 333 23.69 -4.28 2.29
CA HIS B 333 23.07 -5.36 1.51
C HIS B 333 21.53 -5.28 1.56
N GLN B 334 20.95 -5.89 0.54
CA GLN B 334 19.48 -5.97 0.34
C GLN B 334 19.11 -7.38 -0.11
N VAL B 335 17.88 -7.78 0.16
CA VAL B 335 17.38 -9.14 -0.15
C VAL B 335 16.01 -9.05 -0.84
N HIS B 336 15.82 -9.84 -1.90
CA HIS B 336 14.55 -9.93 -2.68
C HIS B 336 14.16 -11.40 -2.79
N ASN B 337 13.15 -11.88 -2.02
CA ASN B 337 12.74 -13.30 -2.10
C ASN B 337 12.07 -13.57 -3.46
N LEU B 338 12.57 -14.60 -4.15
CA LEU B 338 12.02 -15.09 -5.45
C LEU B 338 10.88 -16.06 -5.17
N TYR B 339 11.03 -16.92 -4.17
CA TYR B 339 9.98 -17.82 -3.65
C TYR B 339 9.86 -17.59 -2.14
N SER B 340 8.90 -18.25 -1.48
CA SER B 340 8.76 -18.20 0.00
C SER B 340 10.02 -18.86 0.60
N CYS B 341 10.64 -18.20 1.57
CA CYS B 341 11.93 -18.65 2.19
C CYS B 341 11.86 -18.70 3.72
N ILE B 342 12.48 -19.74 4.30
CA ILE B 342 12.91 -19.75 5.73
C ILE B 342 14.44 -19.64 5.77
N LYS B 343 14.95 -18.57 6.38
CA LYS B 343 16.41 -18.34 6.54
C LYS B 343 16.72 -18.29 8.04
N VAL B 344 17.91 -18.74 8.45
CA VAL B 344 18.33 -18.53 9.86
C VAL B 344 19.74 -17.91 9.84
N ALA B 345 19.96 -16.85 10.61
CA ALA B 345 21.23 -16.08 10.58
C ALA B 345 21.85 -16.06 11.99
N GLU B 346 23.19 -16.09 12.05
CA GLU B 346 23.96 -16.02 13.34
C GLU B 346 25.01 -14.90 13.20
N ASP B 347 25.06 -13.97 14.13
CA ASP B 347 26.11 -12.91 14.16
C ASP B 347 27.38 -13.48 14.83
N PHE B 348 28.56 -12.99 14.45
CA PHE B 348 29.88 -13.34 15.07
C PHE B 348 30.85 -12.17 14.89
N VAL B 349 32.04 -12.26 15.51
CA VAL B 349 33.10 -11.20 15.34
C VAL B 349 34.43 -11.87 14.96
N SER B 350 34.85 -11.70 13.72
CA SER B 350 36.17 -12.23 13.26
C SER B 350 37.32 -11.26 13.60
N PRO B 351 38.55 -11.79 13.85
CA PRO B 351 39.72 -10.93 14.02
C PRO B 351 39.99 -9.98 12.84
N GLU B 352 39.71 -10.45 11.63
CA GLU B 352 39.95 -9.71 10.36
C GLU B 352 39.15 -8.40 10.40
N HIS B 353 38.00 -8.37 11.09
CA HIS B 353 37.04 -7.26 11.01
C HIS B 353 36.83 -6.57 12.37
N VAL B 354 37.70 -6.79 13.35
CA VAL B 354 37.44 -6.25 14.72
C VAL B 354 37.53 -4.72 14.73
N LYS B 355 38.40 -4.13 13.93
CA LYS B 355 38.49 -2.63 13.88
C LYS B 355 37.17 -2.05 13.33
N HIS B 356 36.62 -2.65 12.27
CA HIS B 356 35.33 -2.24 11.67
C HIS B 356 34.22 -2.32 12.71
N CYS B 357 34.13 -3.45 13.44
CA CYS B 357 33.09 -3.70 14.46
C CYS B 357 33.11 -2.60 15.55
N PHE B 358 34.30 -2.12 15.92
CA PHE B 358 34.43 -1.01 16.92
C PHE B 358 33.81 0.27 16.33
N ARG B 359 34.23 0.63 15.13
CA ARG B 359 33.83 1.89 14.45
C ARG B 359 32.32 1.84 14.18
N LEU B 360 31.77 0.71 13.74
CA LEU B 360 30.32 0.59 13.42
C LEU B 360 29.48 0.68 14.69
N THR B 361 29.96 0.12 15.80
CA THR B 361 29.27 0.16 17.10
C THR B 361 29.25 1.64 17.58
N GLN B 362 30.37 2.35 17.42
CA GLN B 362 30.49 3.79 17.80
C GLN B 362 29.42 4.58 17.00
N GLU B 363 29.34 4.38 15.69
CA GLU B 363 28.46 5.16 14.76
C GLU B 363 27.00 4.78 15.06
N PHE B 364 26.71 3.52 15.38
CA PHE B 364 25.34 3.10 15.76
C PHE B 364 24.92 3.90 16.99
N ARG B 365 25.72 3.91 18.06
CA ARG B 365 25.41 4.68 19.30
C ARG B 365 25.18 6.16 18.94
N HIS B 366 26.02 6.77 18.09
CA HIS B 366 25.85 8.20 17.67
C HIS B 366 24.51 8.41 16.96
N LEU B 367 24.16 7.56 15.98
CA LEU B 367 22.91 7.67 15.18
C LEU B 367 21.70 7.41 16.09
N SER B 368 21.86 6.69 17.19
CA SER B 368 20.75 6.32 18.11
C SER B 368 20.22 7.54 18.87
N ASN B 369 21.03 8.13 19.74
CA ASN B 369 20.61 9.23 20.65
C ASN B 369 20.94 10.59 20.01
#